data_3ROD
#
_entry.id   3ROD
#
_cell.length_a   60.663
_cell.length_b   61.793
_cell.length_c   74.342
_cell.angle_alpha   106.57
_cell.angle_beta   103.98
_cell.angle_gamma   104.14
#
_symmetry.space_group_name_H-M   'P 1'
#
loop_
_entity.id
_entity.type
_entity.pdbx_description
1 polymer 'Nicotinamide N-methyltransferase'
2 non-polymer S-ADENOSYL-L-HOMOCYSTEINE
3 non-polymer NICOTINAMIDE
4 water water
#
_entity_poly.entity_id   1
_entity_poly.type   'polypeptide(L)'
_entity_poly.pdbx_seq_one_letter_code
;MGSSHHHHHHSSGLVPRGSMESGFTSKDTYLSHFNPRDYLEKYYKFGSRHSAESQILKHLLKNLFKIFCLDGVKGDLLID
IGSGPTIYQLLSACESFKEIVVTDYSDQNLQELEKWLKAAPAAFDWSPVVTYVCDLEGNRVKGPEKEEKLRQAVKQVLKC
DVTQSQPLGAVPLPPADCVLSTLCLDAACPDLPTYCRALRNLGSLLKPGGFLVIMDALKSSYYMIGEQKFSSLPLGREAV
EAAVKEAGYTIEWFEVISQSYSSTMANNEGLFSLVARKLSRPL
;
_entity_poly.pdbx_strand_id   A,B,C,D
#
# COMPACT_ATOMS: atom_id res chain seq x y z
N SER A 22 -27.97 12.04 -35.52
CA SER A 22 -26.90 11.13 -35.00
C SER A 22 -25.54 11.37 -35.73
N GLY A 23 -25.00 10.27 -36.29
CA GLY A 23 -23.71 10.29 -37.00
C GLY A 23 -22.71 9.42 -36.26
N PHE A 24 -22.24 9.94 -35.13
CA PHE A 24 -21.33 9.26 -34.25
C PHE A 24 -22.06 9.25 -32.90
N THR A 25 -22.61 8.08 -32.56
CA THR A 25 -23.33 7.85 -31.31
C THR A 25 -23.29 9.03 -30.36
N SER A 26 -24.47 9.60 -30.12
CA SER A 26 -24.58 10.78 -29.27
C SER A 26 -24.70 10.39 -27.82
N LYS A 27 -24.47 11.39 -26.96
CA LYS A 27 -24.56 11.21 -25.53
C LYS A 27 -25.80 10.44 -25.10
N ASP A 28 -26.97 10.85 -25.60
CA ASP A 28 -28.19 10.22 -25.06
C ASP A 28 -28.63 8.97 -25.81
N THR A 29 -27.85 8.56 -26.82
CA THR A 29 -27.96 7.21 -27.37
C THR A 29 -27.40 6.26 -26.30
N TYR A 30 -26.47 6.76 -25.49
CA TYR A 30 -25.91 5.96 -24.42
C TYR A 30 -26.94 5.86 -23.32
N LEU A 31 -27.47 7.02 -22.92
CA LEU A 31 -28.60 7.06 -21.97
C LEU A 31 -29.77 6.12 -22.33
N SER A 32 -29.96 5.80 -23.60
CA SER A 32 -31.18 5.11 -24.05
C SER A 32 -30.96 3.72 -24.71
N HIS A 33 -29.82 3.50 -25.36
CA HIS A 33 -29.62 2.20 -26.03
C HIS A 33 -28.52 1.32 -25.43
N PHE A 34 -27.68 1.86 -24.57
CA PHE A 34 -26.63 1.06 -23.93
C PHE A 34 -27.23 0.17 -22.86
N ASN A 35 -27.11 -1.13 -23.07
CA ASN A 35 -27.62 -2.08 -22.11
C ASN A 35 -26.49 -2.65 -21.21
N PRO A 36 -26.42 -2.23 -19.95
CA PRO A 36 -25.29 -2.64 -19.13
C PRO A 36 -25.15 -4.13 -19.09
N ARG A 37 -26.23 -4.82 -18.77
CA ARG A 37 -26.21 -6.27 -18.63
C ARG A 37 -25.76 -6.95 -19.90
N ASP A 38 -26.25 -6.45 -21.03
CA ASP A 38 -25.82 -6.97 -22.32
C ASP A 38 -24.34 -6.88 -22.53
N TYR A 39 -23.85 -5.66 -22.43
CA TYR A 39 -22.44 -5.32 -22.51
C TYR A 39 -21.58 -6.32 -21.77
N LEU A 40 -21.81 -6.43 -20.47
CA LEU A 40 -21.12 -7.34 -19.58
C LEU A 40 -21.07 -8.74 -20.10
N GLU A 41 -22.21 -9.23 -20.58
CA GLU A 41 -22.31 -10.61 -21.06
C GLU A 41 -21.48 -10.74 -22.30
N LYS A 42 -21.61 -9.78 -23.21
CA LYS A 42 -20.83 -9.89 -24.43
C LYS A 42 -19.30 -9.73 -24.25
N TYR A 43 -18.86 -8.93 -23.30
CA TYR A 43 -17.43 -8.68 -23.21
C TYR A 43 -16.66 -9.27 -22.03
N TYR A 44 -17.41 -9.57 -20.94
CA TYR A 44 -16.81 -9.74 -19.61
C TYR A 44 -17.08 -11.05 -18.90
N LYS A 45 -17.71 -11.97 -19.62
CA LYS A 45 -18.05 -13.30 -19.05
C LYS A 45 -16.84 -14.16 -18.85
N PHE A 46 -15.71 -13.81 -19.48
CA PHE A 46 -14.46 -14.47 -19.13
C PHE A 46 -14.62 -15.95 -19.15
N GLY A 47 -14.86 -16.49 -20.35
CA GLY A 47 -15.08 -17.90 -20.51
C GLY A 47 -13.78 -18.63 -20.57
N SER A 48 -13.85 -19.94 -20.38
CA SER A 48 -12.68 -20.82 -20.45
C SER A 48 -12.25 -21.14 -21.86
N ARG A 49 -13.07 -20.74 -22.84
CA ARG A 49 -12.73 -20.87 -24.24
C ARG A 49 -12.04 -19.59 -24.69
N HIS A 50 -10.81 -19.76 -25.19
CA HIS A 50 -9.92 -18.66 -25.57
C HIS A 50 -10.44 -17.71 -26.63
N SER A 51 -11.53 -17.00 -26.30
CA SER A 51 -12.17 -16.03 -27.19
C SER A 51 -11.38 -14.75 -27.29
N ALA A 52 -11.55 -14.03 -28.39
CA ALA A 52 -10.83 -12.78 -28.54
C ALA A 52 -11.13 -11.88 -27.35
N GLU A 53 -12.40 -11.80 -26.98
CA GLU A 53 -12.79 -10.97 -25.85
C GLU A 53 -12.09 -11.40 -24.58
N SER A 54 -11.85 -12.70 -24.42
CA SER A 54 -11.15 -13.16 -23.23
C SER A 54 -9.64 -12.89 -23.29
N GLN A 55 -9.03 -13.06 -24.45
CA GLN A 55 -7.62 -12.74 -24.56
C GLN A 55 -7.42 -11.28 -24.26
N ILE A 56 -8.24 -10.42 -24.83
CA ILE A 56 -8.04 -9.01 -24.56
C ILE A 56 -8.23 -8.70 -23.08
N LEU A 57 -9.32 -9.16 -22.50
CA LEU A 57 -9.50 -9.02 -21.07
C LEU A 57 -8.28 -9.50 -20.27
N LYS A 58 -7.68 -10.62 -20.64
CA LYS A 58 -6.59 -11.14 -19.83
C LYS A 58 -5.45 -10.15 -19.89
N HIS A 59 -5.37 -9.40 -20.96
CA HIS A 59 -4.22 -8.55 -21.12
C HIS A 59 -4.41 -7.24 -20.40
N LEU A 60 -5.60 -6.71 -20.44
CA LEU A 60 -5.91 -5.52 -19.69
C LEU A 60 -5.61 -5.80 -18.25
N LEU A 61 -5.89 -7.05 -17.85
CA LEU A 61 -5.64 -7.48 -16.49
C LEU A 61 -4.17 -7.45 -16.10
N LYS A 62 -3.35 -8.22 -16.82
CA LYS A 62 -1.91 -8.22 -16.59
C LYS A 62 -1.38 -6.78 -16.52
N ASN A 63 -1.60 -5.98 -17.58
CA ASN A 63 -1.25 -4.56 -17.51
C ASN A 63 -1.65 -3.82 -16.20
N LEU A 64 -2.94 -3.85 -15.84
CA LEU A 64 -3.42 -3.18 -14.62
C LEU A 64 -2.68 -3.66 -13.40
N PHE A 65 -2.36 -4.95 -13.38
CA PHE A 65 -1.53 -5.50 -12.31
C PHE A 65 -0.11 -4.90 -12.31
N LYS A 66 0.57 -5.02 -13.44
CA LYS A 66 1.87 -4.39 -13.65
C LYS A 66 1.88 -2.90 -13.28
N ILE A 67 0.77 -2.19 -13.50
CA ILE A 67 0.75 -0.77 -13.20
C ILE A 67 0.52 -0.49 -11.73
N PHE A 68 -0.55 -1.07 -11.18
CA PHE A 68 -0.90 -0.83 -9.78
C PHE A 68 -0.25 -1.73 -8.75
N CYS A 69 0.39 -2.84 -9.12
CA CYS A 69 1.01 -3.65 -8.08
C CYS A 69 2.52 -3.86 -8.19
N LEU A 70 3.09 -3.56 -9.36
CA LEU A 70 4.52 -3.77 -9.56
C LEU A 70 5.24 -2.43 -9.71
N ASP A 71 4.56 -1.46 -10.34
CA ASP A 71 5.12 -0.14 -10.57
C ASP A 71 4.88 0.74 -9.34
N GLY A 72 5.31 2.00 -9.42
CA GLY A 72 5.04 2.96 -8.37
C GLY A 72 3.76 3.81 -8.57
N VAL A 73 2.65 3.16 -8.93
CA VAL A 73 1.39 3.92 -9.05
C VAL A 73 0.45 3.74 -7.84
N LYS A 74 0.65 4.59 -6.82
CA LYS A 74 -0.12 4.49 -5.59
C LYS A 74 -0.84 5.82 -5.38
N GLY A 75 -1.40 6.03 -4.19
CA GLY A 75 -2.01 7.32 -3.92
C GLY A 75 -3.18 7.27 -3.00
N ASP A 76 -3.68 8.44 -2.65
CA ASP A 76 -4.87 8.55 -1.80
C ASP A 76 -6.10 8.34 -2.65
N LEU A 77 -6.18 9.04 -3.79
CA LEU A 77 -7.42 9.08 -4.60
C LEU A 77 -7.26 8.77 -6.08
N LEU A 78 -8.11 7.83 -6.54
CA LEU A 78 -8.19 7.50 -7.96
C LEU A 78 -9.61 7.66 -8.50
N ILE A 79 -9.78 8.56 -9.49
CA ILE A 79 -11.07 8.67 -10.23
C ILE A 79 -11.05 7.76 -11.46
N ASP A 80 -12.00 6.85 -11.58
CA ASP A 80 -12.06 5.95 -12.73
C ASP A 80 -13.09 6.53 -13.64
N ILE A 81 -12.67 6.94 -14.83
CA ILE A 81 -13.56 7.69 -15.75
C ILE A 81 -14.17 6.78 -16.83
N GLY A 82 -15.48 6.84 -16.97
CA GLY A 82 -16.15 6.03 -17.98
C GLY A 82 -16.12 4.61 -17.50
N SER A 83 -16.18 4.43 -16.19
CA SER A 83 -16.30 3.08 -15.68
C SER A 83 -17.33 2.25 -16.42
N GLY A 84 -18.41 2.88 -16.90
CA GLY A 84 -19.51 2.10 -17.46
C GLY A 84 -19.94 1.16 -16.35
N PRO A 85 -20.41 -0.04 -16.72
CA PRO A 85 -20.87 -0.96 -15.69
C PRO A 85 -19.87 -2.02 -15.22
N THR A 86 -18.57 -1.77 -15.40
CA THR A 86 -17.53 -2.73 -15.06
C THR A 86 -16.64 -2.34 -13.85
N ILE A 87 -15.97 -3.34 -13.29
CA ILE A 87 -15.09 -3.12 -12.15
C ILE A 87 -13.76 -3.82 -12.38
N TYR A 88 -13.63 -4.57 -13.45
CA TYR A 88 -12.42 -5.36 -13.57
C TYR A 88 -11.22 -4.41 -13.50
N GLN A 89 -11.35 -3.27 -14.15
CA GLN A 89 -10.29 -2.30 -14.12
C GLN A 89 -9.98 -1.76 -12.71
N LEU A 90 -10.72 -2.18 -11.70
CA LEU A 90 -10.46 -1.63 -10.38
C LEU A 90 -10.00 -2.64 -9.31
N LEU A 91 -9.82 -3.90 -9.71
CA LEU A 91 -9.36 -4.96 -8.83
C LEU A 91 -7.92 -4.81 -8.30
N SER A 92 -7.03 -4.24 -9.12
CA SER A 92 -5.66 -4.06 -8.68
C SER A 92 -5.47 -2.70 -8.06
N ALA A 93 -5.91 -1.68 -8.79
CA ALA A 93 -5.91 -0.33 -8.26
C ALA A 93 -6.29 -0.26 -6.77
N CYS A 94 -7.08 -1.22 -6.27
CA CYS A 94 -7.66 -1.11 -4.92
C CYS A 94 -6.74 -1.69 -3.84
N GLU A 95 -5.55 -2.09 -4.30
CA GLU A 95 -4.44 -2.46 -3.42
C GLU A 95 -3.47 -1.28 -3.46
N SER A 96 -3.92 -0.11 -3.88
CA SER A 96 -2.98 1.00 -4.03
C SER A 96 -3.62 2.32 -3.68
N PHE A 97 -4.94 2.35 -3.71
CA PHE A 97 -5.65 3.56 -3.36
C PHE A 97 -6.64 3.29 -2.24
N LYS A 98 -6.77 4.28 -1.37
CA LYS A 98 -7.67 4.20 -0.25
C LYS A 98 -9.04 4.65 -0.69
N GLU A 99 -9.11 5.63 -1.58
CA GLU A 99 -10.40 6.14 -2.04
C GLU A 99 -10.51 6.03 -3.55
N ILE A 100 -11.57 5.38 -4.01
CA ILE A 100 -11.79 5.15 -5.44
C ILE A 100 -13.11 5.76 -5.88
N VAL A 101 -13.09 6.78 -6.73
CA VAL A 101 -14.37 7.33 -7.13
C VAL A 101 -14.65 6.86 -8.53
N VAL A 102 -15.72 6.07 -8.71
CA VAL A 102 -16.13 5.64 -10.06
C VAL A 102 -17.13 6.56 -10.75
N THR A 103 -16.99 6.69 -12.06
CA THR A 103 -17.86 7.63 -12.81
C THR A 103 -18.23 7.13 -14.18
N ASP A 104 -19.36 7.64 -14.67
CA ASP A 104 -19.87 7.31 -16.03
C ASP A 104 -20.93 8.26 -16.47
N TYR A 105 -21.14 8.29 -17.76
CA TYR A 105 -22.11 9.21 -18.31
C TYR A 105 -23.47 8.58 -18.40
N SER A 106 -23.54 7.28 -18.26
CA SER A 106 -24.79 6.60 -18.41
C SER A 106 -25.35 6.18 -17.08
N ASP A 107 -26.34 6.93 -16.62
CA ASP A 107 -26.97 6.65 -15.34
C ASP A 107 -27.32 5.19 -15.16
N GLN A 108 -27.71 4.49 -16.21
CA GLN A 108 -28.09 3.07 -16.04
C GLN A 108 -26.88 2.13 -15.91
N ASN A 109 -25.69 2.62 -16.24
CA ASN A 109 -24.46 1.85 -15.97
C ASN A 109 -24.04 1.98 -14.52
N LEU A 110 -24.11 3.20 -14.02
CA LEU A 110 -23.90 3.43 -12.60
C LEU A 110 -24.81 2.53 -11.77
N GLN A 111 -26.08 2.45 -12.20
CA GLN A 111 -27.06 1.58 -11.55
C GLN A 111 -26.57 0.12 -11.54
N GLU A 112 -25.98 -0.33 -12.64
CA GLU A 112 -25.56 -1.69 -12.67
C GLU A 112 -24.35 -1.93 -11.74
N LEU A 113 -23.40 -1.00 -11.72
CA LEU A 113 -22.26 -1.09 -10.82
C LEU A 113 -22.68 -1.10 -9.37
N GLU A 114 -23.63 -0.25 -9.05
CA GLU A 114 -24.05 -0.06 -7.70
C GLU A 114 -24.61 -1.38 -7.20
N LYS A 115 -25.40 -2.04 -8.05
CA LYS A 115 -25.86 -3.41 -7.74
C LYS A 115 -24.76 -4.32 -7.20
N TRP A 116 -23.59 -4.27 -7.85
CA TRP A 116 -22.45 -5.08 -7.48
C TRP A 116 -21.78 -4.65 -6.15
N LEU A 117 -21.76 -3.34 -5.93
CA LEU A 117 -21.17 -2.74 -4.72
C LEU A 117 -21.96 -3.13 -3.48
N LYS A 118 -23.29 -3.25 -3.59
CA LYS A 118 -24.08 -3.74 -2.50
C LYS A 118 -23.95 -5.23 -2.43
N ALA A 119 -23.28 -5.78 -3.44
CA ALA A 119 -23.20 -7.22 -3.55
C ALA A 119 -24.60 -7.79 -3.55
N ALA A 120 -25.42 -7.41 -4.50
CA ALA A 120 -26.77 -7.95 -4.53
C ALA A 120 -26.81 -9.25 -5.33
N PRO A 121 -27.67 -10.19 -4.94
CA PRO A 121 -27.70 -11.44 -5.72
C PRO A 121 -27.84 -11.33 -7.24
N ALA A 122 -28.68 -10.43 -7.74
CA ALA A 122 -28.85 -10.38 -9.20
C ALA A 122 -27.79 -9.48 -9.89
N ALA A 123 -26.65 -9.23 -9.22
CA ALA A 123 -25.52 -8.54 -9.83
C ALA A 123 -24.72 -9.45 -10.75
N PHE A 124 -24.09 -8.90 -11.77
CA PHE A 124 -23.25 -9.69 -12.67
C PHE A 124 -22.24 -10.45 -11.82
N ASP A 125 -21.84 -11.64 -12.24
CA ASP A 125 -20.85 -12.41 -11.51
C ASP A 125 -19.44 -12.20 -11.99
N TRP A 126 -18.58 -11.58 -11.18
CA TRP A 126 -17.21 -11.22 -11.64
C TRP A 126 -16.13 -12.14 -11.15
N SER A 127 -16.50 -13.30 -10.61
CA SER A 127 -15.54 -14.11 -9.87
C SER A 127 -14.55 -14.84 -10.76
N PRO A 128 -14.94 -15.23 -11.99
CA PRO A 128 -13.87 -15.78 -12.82
C PRO A 128 -12.76 -14.73 -12.94
N VAL A 129 -13.17 -13.46 -13.03
CA VAL A 129 -12.24 -12.41 -13.22
C VAL A 129 -11.53 -12.19 -11.93
N VAL A 130 -12.31 -12.09 -10.87
CA VAL A 130 -11.78 -11.79 -9.58
C VAL A 130 -10.74 -12.84 -9.30
N THR A 131 -11.12 -14.08 -9.53
CA THR A 131 -10.15 -15.17 -9.43
C THR A 131 -8.87 -14.90 -10.20
N TYR A 132 -9.00 -14.55 -11.48
CA TYR A 132 -7.83 -14.40 -12.31
C TYR A 132 -6.81 -13.45 -11.67
N VAL A 133 -7.32 -12.35 -11.13
CA VAL A 133 -6.51 -11.35 -10.48
C VAL A 133 -5.88 -11.86 -9.19
N CYS A 134 -6.65 -12.63 -8.42
CA CYS A 134 -6.16 -13.06 -7.14
C CYS A 134 -4.95 -13.95 -7.29
N ASP A 135 -4.79 -14.58 -8.46
CA ASP A 135 -3.53 -15.32 -8.73
C ASP A 135 -2.44 -14.36 -9.12
N LEU A 136 -2.66 -13.62 -10.21
CA LEU A 136 -1.66 -12.73 -10.72
C LEU A 136 -0.89 -12.11 -9.55
N GLU A 137 -1.63 -11.74 -8.49
CA GLU A 137 -1.08 -10.91 -7.41
C GLU A 137 -0.27 -11.65 -6.35
N GLY A 138 -0.44 -12.97 -6.29
CA GLY A 138 0.35 -13.80 -5.40
C GLY A 138 -0.54 -14.74 -4.63
N ASN A 139 -1.78 -14.81 -5.10
CA ASN A 139 -2.82 -15.63 -4.50
C ASN A 139 -2.88 -15.45 -2.98
N ARG A 140 -2.30 -14.34 -2.54
CA ARG A 140 -2.24 -14.02 -1.12
C ARG A 140 -3.64 -14.01 -0.52
N VAL A 141 -4.56 -13.29 -1.17
CA VAL A 141 -5.92 -13.14 -0.70
C VAL A 141 -6.87 -13.88 -1.60
N LYS A 142 -8.08 -14.07 -1.10
CA LYS A 142 -9.11 -14.83 -1.79
C LYS A 142 -10.25 -13.96 -2.35
N GLY A 143 -11.01 -14.51 -3.29
CA GLY A 143 -12.01 -13.72 -4.01
C GLY A 143 -12.78 -12.85 -3.06
N PRO A 144 -13.52 -13.50 -2.16
CA PRO A 144 -14.28 -12.87 -1.09
C PRO A 144 -13.57 -11.67 -0.47
N GLU A 145 -12.26 -11.78 -0.23
CA GLU A 145 -11.52 -10.73 0.49
C GLU A 145 -11.10 -9.65 -0.49
N LYS A 146 -11.01 -10.02 -1.77
CA LYS A 146 -10.65 -9.05 -2.79
C LYS A 146 -11.84 -8.18 -3.09
N GLU A 147 -13.01 -8.82 -3.15
CA GLU A 147 -14.24 -8.11 -3.43
C GLU A 147 -14.55 -7.15 -2.28
N GLU A 148 -14.38 -7.59 -1.04
CA GLU A 148 -14.69 -6.70 0.09
C GLU A 148 -13.77 -5.51 0.04
N LYS A 149 -12.49 -5.77 -0.17
CA LYS A 149 -11.53 -4.70 -0.25
C LYS A 149 -11.92 -3.59 -1.21
N LEU A 150 -12.41 -3.96 -2.40
CA LEU A 150 -12.88 -2.99 -3.38
C LEU A 150 -14.12 -2.26 -2.90
N ARG A 151 -15.13 -3.00 -2.46
CA ARG A 151 -16.35 -2.34 -2.04
C ARG A 151 -16.04 -1.22 -1.06
N GLN A 152 -15.08 -1.45 -0.16
CA GLN A 152 -14.72 -0.44 0.81
C GLN A 152 -13.87 0.67 0.26
N ALA A 153 -13.37 0.50 -0.96
CA ALA A 153 -12.53 1.52 -1.58
C ALA A 153 -13.41 2.53 -2.28
N VAL A 154 -14.36 1.98 -3.04
CA VAL A 154 -15.29 2.75 -3.82
C VAL A 154 -16.16 3.58 -2.89
N LYS A 155 -15.88 4.88 -2.93
CA LYS A 155 -16.44 5.81 -1.96
C LYS A 155 -17.62 6.51 -2.52
N GLN A 156 -17.66 6.65 -3.85
CA GLN A 156 -18.74 7.37 -4.49
C GLN A 156 -18.93 6.88 -5.91
N VAL A 157 -20.10 7.17 -6.47
CA VAL A 157 -20.48 6.69 -7.77
C VAL A 157 -21.12 7.90 -8.36
N LEU A 158 -20.38 8.62 -9.21
CA LEU A 158 -20.84 9.90 -9.73
C LEU A 158 -21.12 9.90 -11.20
N LYS A 159 -21.95 10.83 -11.66
CA LYS A 159 -22.22 11.03 -13.09
C LYS A 159 -21.03 11.79 -13.63
N CYS A 160 -20.59 11.49 -14.84
CA CYS A 160 -19.55 12.32 -15.42
C CYS A 160 -19.63 12.49 -16.92
N ASP A 161 -18.96 13.53 -17.43
CA ASP A 161 -18.93 13.80 -18.86
C ASP A 161 -17.61 14.36 -19.33
N VAL A 162 -16.87 13.55 -20.08
CA VAL A 162 -15.49 13.90 -20.43
C VAL A 162 -15.42 15.08 -21.39
N THR A 163 -16.54 15.42 -22.00
CA THR A 163 -16.55 16.53 -22.95
C THR A 163 -16.94 17.85 -22.26
N GLN A 164 -16.76 17.92 -20.95
CA GLN A 164 -17.12 19.12 -20.22
C GLN A 164 -15.88 19.56 -19.44
N SER A 165 -15.56 20.84 -19.50
CA SER A 165 -14.43 21.36 -18.74
C SER A 165 -14.51 20.93 -17.27
N GLN A 166 -15.68 20.45 -16.84
CA GLN A 166 -15.84 19.93 -15.46
C GLN A 166 -16.63 18.63 -15.45
N PRO A 167 -15.95 17.56 -15.83
CA PRO A 167 -16.45 16.22 -16.07
C PRO A 167 -17.32 15.68 -14.90
N LEU A 168 -17.01 16.03 -13.65
CA LEU A 168 -17.88 15.64 -12.53
C LEU A 168 -18.75 16.82 -12.09
N GLY A 169 -19.00 17.73 -13.01
CA GLY A 169 -19.79 18.87 -12.69
C GLY A 169 -19.33 19.63 -11.46
N ALA A 170 -20.32 19.95 -10.64
CA ALA A 170 -20.08 20.84 -9.53
C ALA A 170 -19.57 20.07 -8.29
N VAL A 171 -19.30 18.77 -8.41
CA VAL A 171 -18.95 17.98 -7.21
C VAL A 171 -17.56 18.26 -6.76
N PRO A 172 -17.41 18.54 -5.48
CA PRO A 172 -16.13 18.84 -4.91
C PRO A 172 -15.25 17.59 -4.65
N LEU A 173 -14.10 17.49 -5.30
CA LEU A 173 -13.16 16.45 -4.95
C LEU A 173 -11.75 17.00 -4.85
N PRO A 174 -10.95 16.45 -3.94
CA PRO A 174 -9.56 16.88 -3.90
C PRO A 174 -8.76 16.50 -5.14
N PRO A 175 -7.71 17.27 -5.46
CA PRO A 175 -6.95 16.90 -6.63
C PRO A 175 -6.58 15.44 -6.53
N ALA A 176 -6.97 14.63 -7.52
CA ALA A 176 -6.67 13.18 -7.51
C ALA A 176 -5.21 12.80 -7.78
N ASP A 177 -4.81 11.63 -7.28
CA ASP A 177 -3.48 11.12 -7.57
C ASP A 177 -3.50 10.43 -8.94
N CYS A 178 -4.59 9.68 -9.20
CA CYS A 178 -4.73 8.98 -10.46
C CYS A 178 -6.10 9.10 -11.13
N VAL A 179 -6.09 9.50 -12.39
CA VAL A 179 -7.27 9.41 -13.22
C VAL A 179 -7.04 8.22 -14.11
N LEU A 180 -8.06 7.40 -14.24
CA LEU A 180 -7.90 6.20 -15.01
C LEU A 180 -9.10 6.04 -15.92
N SER A 181 -8.86 5.49 -17.09
CA SER A 181 -9.97 5.26 -17.97
C SER A 181 -9.68 4.09 -18.87
N THR A 182 -10.62 3.17 -18.94
CA THR A 182 -10.54 2.08 -19.89
C THR A 182 -11.67 2.13 -20.96
N LEU A 183 -11.30 1.92 -22.20
CA LEU A 183 -12.23 1.84 -23.33
C LEU A 183 -13.32 2.88 -23.32
N CYS A 184 -12.97 4.10 -22.92
CA CYS A 184 -13.97 5.17 -22.79
C CYS A 184 -13.75 6.32 -23.81
N LEU A 185 -12.59 6.98 -23.72
CA LEU A 185 -12.34 8.22 -24.49
C LEU A 185 -12.55 8.06 -25.98
N ASP A 186 -12.05 6.98 -26.54
CA ASP A 186 -12.33 6.69 -27.95
C ASP A 186 -13.84 6.66 -28.29
N ALA A 187 -14.66 6.23 -27.32
CA ALA A 187 -16.07 6.02 -27.49
C ALA A 187 -16.87 7.32 -27.35
N ALA A 188 -16.45 8.11 -26.36
CA ALA A 188 -17.14 9.36 -26.06
C ALA A 188 -16.71 10.52 -26.97
N CYS A 189 -15.54 10.40 -27.59
CA CYS A 189 -14.99 11.50 -28.39
C CYS A 189 -15.24 11.28 -29.88
N PRO A 190 -16.15 12.08 -30.44
CA PRO A 190 -16.56 12.03 -31.84
C PRO A 190 -15.45 12.48 -32.80
N ASP A 191 -14.51 13.26 -32.33
CA ASP A 191 -13.41 13.63 -33.18
C ASP A 191 -12.14 13.89 -32.37
N LEU A 192 -11.06 14.19 -33.08
CA LEU A 192 -9.78 14.43 -32.43
C LEU A 192 -9.82 15.63 -31.46
N PRO A 193 -10.22 16.83 -31.94
CA PRO A 193 -10.30 17.96 -30.99
C PRO A 193 -11.10 17.64 -29.72
N THR A 194 -12.23 16.95 -29.89
CA THR A 194 -13.07 16.59 -28.73
C THR A 194 -12.32 15.67 -27.75
N TYR A 195 -11.42 14.87 -28.30
CA TYR A 195 -10.56 13.98 -27.56
C TYR A 195 -9.53 14.79 -26.78
N CYS A 196 -8.78 15.63 -27.47
CA CYS A 196 -7.75 16.37 -26.75
C CYS A 196 -8.33 17.25 -25.65
N ARG A 197 -9.54 17.74 -25.83
CA ARG A 197 -10.16 18.56 -24.78
C ARG A 197 -10.55 17.64 -23.63
N ALA A 198 -11.03 16.46 -24.01
CA ALA A 198 -11.34 15.42 -23.05
C ALA A 198 -10.13 15.24 -22.15
N LEU A 199 -9.00 14.94 -22.75
CA LEU A 199 -7.77 14.77 -22.03
C LEU A 199 -7.49 15.98 -21.15
N ARG A 200 -7.70 17.18 -21.68
CA ARG A 200 -7.42 18.39 -20.90
C ARG A 200 -8.40 18.52 -19.76
N ASN A 201 -9.66 18.19 -20.00
CA ASN A 201 -10.66 18.30 -18.95
C ASN A 201 -10.40 17.30 -17.84
N LEU A 202 -9.94 16.10 -18.21
CA LEU A 202 -9.57 15.09 -17.25
C LEU A 202 -8.36 15.50 -16.44
N GLY A 203 -7.47 16.27 -17.07
CA GLY A 203 -6.27 16.77 -16.40
C GLY A 203 -6.65 17.73 -15.29
N SER A 204 -7.86 18.28 -15.32
CA SER A 204 -8.20 19.26 -14.34
C SER A 204 -8.57 18.60 -13.01
N LEU A 205 -8.75 17.28 -13.04
CA LEU A 205 -9.09 16.47 -11.84
C LEU A 205 -7.86 15.95 -11.08
N LEU A 206 -6.68 16.07 -11.70
CA LEU A 206 -5.43 15.52 -11.13
C LEU A 206 -4.50 16.60 -10.62
N LYS A 207 -3.68 16.26 -9.61
CA LYS A 207 -2.60 17.15 -9.15
C LYS A 207 -1.40 16.98 -10.07
N PRO A 208 -0.53 17.99 -10.19
CA PRO A 208 0.64 17.84 -11.09
C PRO A 208 1.46 16.64 -10.68
N GLY A 209 2.11 16.00 -11.65
CA GLY A 209 2.92 14.80 -11.39
C GLY A 209 1.97 13.67 -11.15
N GLY A 210 0.66 13.93 -11.34
CA GLY A 210 -0.34 12.88 -11.15
C GLY A 210 -0.37 11.96 -12.37
N PHE A 211 -0.87 10.74 -12.17
CA PHE A 211 -0.87 9.72 -13.25
C PHE A 211 -2.10 9.71 -14.13
N LEU A 212 -1.88 9.55 -15.44
CA LEU A 212 -3.01 9.31 -16.34
C LEU A 212 -2.79 7.91 -16.88
N VAL A 213 -3.72 7.02 -16.55
CA VAL A 213 -3.69 5.67 -17.11
C VAL A 213 -4.87 5.55 -18.07
N ILE A 214 -4.60 5.18 -19.31
CA ILE A 214 -5.68 5.06 -20.29
C ILE A 214 -5.51 3.81 -21.09
N MET A 215 -6.59 3.09 -21.34
CA MET A 215 -6.46 1.91 -22.14
C MET A 215 -7.57 1.97 -23.12
N ASP A 216 -7.24 1.96 -24.39
CA ASP A 216 -8.28 2.04 -25.38
C ASP A 216 -7.99 1.13 -26.61
N ALA A 217 -8.85 1.23 -27.61
CA ALA A 217 -8.68 0.42 -28.76
C ALA A 217 -7.95 1.27 -29.77
N LEU A 218 -7.25 0.61 -30.70
CA LEU A 218 -6.52 1.33 -31.74
C LEU A 218 -7.24 1.19 -33.06
N LYS A 219 -7.30 2.28 -33.81
CA LYS A 219 -7.95 2.35 -35.12
C LYS A 219 -9.35 1.67 -35.15
N SER A 220 -10.07 1.83 -34.05
CA SER A 220 -11.39 1.26 -33.93
C SER A 220 -12.46 2.25 -34.41
N SER A 221 -13.33 1.79 -35.28
CA SER A 221 -14.38 2.67 -35.73
C SER A 221 -15.79 2.33 -35.14
N TYR A 222 -15.91 1.20 -34.43
CA TYR A 222 -17.20 0.84 -33.82
C TYR A 222 -17.06 -0.33 -32.86
N TYR A 223 -18.14 -0.70 -32.20
CA TYR A 223 -18.20 -1.94 -31.43
C TYR A 223 -19.68 -2.24 -31.20
N MET A 224 -20.00 -3.49 -31.02
CA MET A 224 -21.37 -3.93 -31.02
C MET A 224 -21.71 -4.42 -29.65
N ILE A 225 -22.86 -4.01 -29.15
CA ILE A 225 -23.43 -4.58 -27.95
C ILE A 225 -24.63 -5.32 -28.46
N GLY A 226 -24.45 -6.65 -28.57
CA GLY A 226 -25.42 -7.49 -29.32
C GLY A 226 -25.75 -6.86 -30.68
N GLU A 227 -26.95 -6.32 -30.75
CA GLU A 227 -27.52 -5.89 -31.99
C GLU A 227 -27.17 -4.43 -32.26
N GLN A 228 -27.04 -3.65 -31.19
CA GLN A 228 -26.87 -2.21 -31.28
C GLN A 228 -25.41 -1.86 -31.50
N LYS A 229 -25.15 -0.88 -32.35
CA LYS A 229 -23.77 -0.57 -32.71
C LYS A 229 -23.39 0.84 -32.23
N PHE A 230 -22.24 0.98 -31.59
CA PHE A 230 -21.79 2.27 -31.06
C PHE A 230 -20.58 2.75 -31.84
N SER A 231 -20.50 4.06 -32.08
CA SER A 231 -19.38 4.63 -32.78
C SER A 231 -18.08 4.56 -32.01
N SER A 232 -17.02 5.02 -32.66
CA SER A 232 -15.71 4.98 -32.03
C SER A 232 -14.67 5.71 -32.89
N LEU A 233 -13.98 6.70 -32.31
CA LEU A 233 -12.90 7.40 -33.04
C LEU A 233 -11.68 6.52 -33.28
N PRO A 234 -11.43 6.17 -34.57
CA PRO A 234 -10.37 5.25 -34.94
C PRO A 234 -9.04 5.97 -34.88
N LEU A 235 -8.34 5.89 -33.74
CA LEU A 235 -7.05 6.58 -33.55
C LEU A 235 -5.81 5.68 -33.70
N GLY A 236 -4.74 6.22 -34.27
CA GLY A 236 -3.48 5.51 -34.31
C GLY A 236 -2.75 5.71 -33.00
N ARG A 237 -1.68 4.96 -32.78
CA ARG A 237 -0.78 5.25 -31.67
C ARG A 237 -0.11 6.61 -31.83
N GLU A 238 0.13 7.02 -33.08
CA GLU A 238 0.74 8.30 -33.37
C GLU A 238 -0.12 9.45 -32.83
N ALA A 239 -1.38 9.45 -33.21
CA ALA A 239 -2.24 10.54 -32.89
C ALA A 239 -2.51 10.55 -31.38
N VAL A 240 -2.72 9.38 -30.78
CA VAL A 240 -2.97 9.32 -29.32
C VAL A 240 -1.82 9.87 -28.53
N GLU A 241 -0.60 9.41 -28.84
CA GLU A 241 0.60 10.02 -28.21
C GLU A 241 0.66 11.53 -28.46
N ALA A 242 0.39 11.95 -29.68
CA ALA A 242 0.45 13.37 -29.93
C ALA A 242 -0.51 14.10 -28.99
N ALA A 243 -1.79 13.78 -29.04
CA ALA A 243 -2.81 14.51 -28.28
C ALA A 243 -2.64 14.47 -26.77
N VAL A 244 -1.74 13.60 -26.28
CA VAL A 244 -1.52 13.47 -24.85
C VAL A 244 -0.34 14.34 -24.48
N LYS A 245 0.79 14.18 -25.18
CA LYS A 245 1.92 15.12 -24.95
C LYS A 245 1.37 16.52 -25.13
N GLU A 246 0.69 16.70 -26.26
CA GLU A 246 0.21 17.99 -26.71
C GLU A 246 -1.00 18.42 -25.92
N ALA A 247 -1.21 17.81 -24.76
CA ALA A 247 -2.36 18.12 -23.94
C ALA A 247 -1.93 18.22 -22.49
N GLY A 248 -0.63 18.13 -22.23
CA GLY A 248 -0.13 18.41 -20.88
C GLY A 248 0.43 17.26 -20.07
N TYR A 249 1.00 16.25 -20.73
CA TYR A 249 1.47 15.07 -20.03
C TYR A 249 2.75 14.48 -20.63
N THR A 250 3.60 13.93 -19.74
CA THR A 250 4.81 13.18 -20.12
C THR A 250 4.36 11.73 -20.11
N ILE A 251 4.94 10.90 -20.96
CA ILE A 251 4.51 9.52 -21.08
C ILE A 251 5.54 8.59 -20.50
N GLU A 252 5.18 7.86 -19.46
CA GLU A 252 6.13 6.99 -18.77
C GLU A 252 6.36 5.73 -19.56
N TRP A 253 5.29 5.08 -20.00
CA TRP A 253 5.44 4.02 -20.96
C TRP A 253 4.21 3.89 -21.80
N PHE A 254 4.38 3.15 -22.88
CA PHE A 254 3.32 3.01 -23.87
C PHE A 254 3.43 1.62 -24.49
N GLU A 255 2.33 0.90 -24.51
CA GLU A 255 2.35 -0.47 -24.98
C GLU A 255 1.25 -0.67 -26.00
N VAL A 256 1.56 -1.45 -27.01
CA VAL A 256 0.65 -1.72 -28.08
C VAL A 256 0.58 -3.21 -28.18
N ILE A 257 -0.61 -3.75 -28.28
CA ILE A 257 -0.70 -5.21 -28.46
C ILE A 257 -1.50 -5.34 -29.69
N SER A 258 -1.21 -6.33 -30.49
CA SER A 258 -1.90 -6.41 -31.79
C SER A 258 -3.29 -7.06 -31.69
N GLN A 259 -3.42 -7.95 -30.72
CA GLN A 259 -4.64 -8.66 -30.41
C GLN A 259 -5.89 -7.80 -30.49
N SER A 260 -6.80 -8.23 -31.36
CA SER A 260 -8.09 -7.60 -31.58
C SER A 260 -9.33 -8.37 -31.04
N TYR A 261 -10.49 -7.70 -31.08
CA TYR A 261 -11.80 -8.26 -30.77
C TYR A 261 -12.36 -8.98 -31.95
N SER A 262 -13.20 -10.00 -31.67
CA SER A 262 -13.84 -10.72 -32.74
C SER A 262 -14.42 -9.74 -33.73
N SER A 263 -14.32 -10.08 -35.02
CA SER A 263 -14.86 -9.23 -36.10
C SER A 263 -16.33 -8.82 -35.86
N THR A 264 -17.12 -9.76 -35.36
CA THR A 264 -18.52 -9.48 -35.06
C THR A 264 -18.63 -8.41 -33.98
N MET A 265 -17.59 -8.34 -33.15
CA MET A 265 -17.61 -7.51 -31.95
C MET A 265 -17.17 -6.10 -32.23
N ALA A 266 -16.01 -5.97 -32.88
CA ALA A 266 -15.42 -4.68 -33.13
C ALA A 266 -14.46 -4.80 -34.29
N ASN A 267 -14.12 -3.67 -34.90
CA ASN A 267 -13.21 -3.63 -36.04
C ASN A 267 -11.84 -3.09 -35.66
N ASN A 268 -11.47 -3.20 -34.40
CA ASN A 268 -10.21 -2.62 -33.92
C ASN A 268 -8.96 -3.33 -34.47
N GLU A 269 -7.82 -2.64 -34.42
CA GLU A 269 -6.54 -3.26 -34.69
C GLU A 269 -5.72 -3.31 -33.42
N GLY A 270 -6.10 -4.16 -32.48
CA GLY A 270 -5.39 -4.19 -31.21
C GLY A 270 -5.71 -3.03 -30.27
N LEU A 271 -4.92 -2.93 -29.19
CA LEU A 271 -5.20 -1.93 -28.16
C LEU A 271 -3.96 -1.47 -27.51
N PHE A 272 -3.97 -0.21 -27.12
CA PHE A 272 -2.84 0.41 -26.45
C PHE A 272 -3.14 0.64 -25.00
N SER A 273 -2.10 0.81 -24.24
CA SER A 273 -2.30 1.31 -22.92
C SER A 273 -1.06 2.09 -22.51
N LEU A 274 -1.30 3.18 -21.83
CA LEU A 274 -0.19 3.97 -21.41
C LEU A 274 -0.32 4.44 -19.97
N VAL A 275 0.77 5.02 -19.50
CA VAL A 275 0.81 5.61 -18.20
C VAL A 275 1.49 6.95 -18.42
N ALA A 276 0.78 8.01 -18.08
CA ALA A 276 1.30 9.37 -18.31
C ALA A 276 1.33 10.27 -17.06
N ARG A 277 2.31 11.17 -17.01
CA ARG A 277 2.40 12.13 -15.88
C ARG A 277 2.00 13.53 -16.28
N LYS A 278 1.08 14.09 -15.52
CA LYS A 278 0.72 15.48 -15.71
C LYS A 278 1.90 16.43 -15.40
N LEU A 279 2.25 17.23 -16.40
CA LEU A 279 3.26 18.26 -16.21
C LEU A 279 3.01 19.00 -14.88
N SER A 280 4.07 19.44 -14.21
CA SER A 280 3.87 20.24 -12.96
C SER A 280 3.39 21.68 -13.21
N SER B 22 35.10 4.76 -40.81
CA SER B 22 33.82 4.12 -40.32
C SER B 22 33.33 4.74 -38.98
N GLY B 23 33.97 4.33 -37.88
CA GLY B 23 33.74 4.96 -36.57
C GLY B 23 32.89 4.16 -35.60
N PHE B 24 32.24 3.11 -36.09
CA PHE B 24 31.39 2.31 -35.27
C PHE B 24 32.11 1.08 -34.69
N THR B 25 32.31 1.10 -33.37
CA THR B 25 33.03 0.06 -32.64
C THR B 25 33.04 -1.29 -33.32
N SER B 26 34.20 -1.67 -33.86
CA SER B 26 34.32 -2.99 -34.48
C SER B 26 34.16 -4.05 -33.41
N LYS B 27 33.80 -5.26 -33.86
CA LYS B 27 33.60 -6.39 -32.96
C LYS B 27 34.83 -6.70 -32.09
N ASP B 28 35.98 -6.81 -32.75
CA ASP B 28 37.24 -7.10 -32.07
C ASP B 28 37.65 -5.95 -31.16
N THR B 29 36.87 -4.88 -31.15
CA THR B 29 36.99 -3.90 -30.07
C THR B 29 36.31 -4.45 -28.80
N TYR B 30 35.28 -5.27 -29.00
CA TYR B 30 34.57 -5.86 -27.87
C TYR B 30 35.45 -6.96 -27.39
N LEU B 31 36.27 -7.44 -28.33
CA LEU B 31 37.17 -8.56 -28.02
C LEU B 31 38.38 -8.07 -27.26
N SER B 32 38.83 -6.85 -27.59
CA SER B 32 40.01 -6.27 -26.93
C SER B 32 39.66 -5.23 -25.88
N HIS B 33 38.61 -4.45 -26.06
CA HIS B 33 38.32 -3.45 -25.01
C HIS B 33 37.07 -3.62 -24.13
N PHE B 34 36.27 -4.65 -24.36
CA PHE B 34 35.10 -4.82 -23.50
C PHE B 34 35.49 -5.56 -22.20
N ASN B 35 35.38 -4.85 -21.08
CA ASN B 35 35.72 -5.42 -19.79
C ASN B 35 34.45 -6.00 -19.10
N PRO B 36 34.37 -7.34 -18.92
CA PRO B 36 33.13 -7.89 -18.37
C PRO B 36 32.84 -7.38 -17.00
N ARG B 37 33.82 -7.43 -16.10
CA ARG B 37 33.62 -7.15 -14.68
C ARG B 37 33.27 -5.69 -14.51
N ASP B 38 33.82 -4.85 -15.36
CA ASP B 38 33.55 -3.41 -15.27
C ASP B 38 32.13 -3.11 -15.64
N TYR B 39 31.75 -3.67 -16.77
CA TYR B 39 30.38 -3.57 -17.27
C TYR B 39 29.33 -3.91 -16.20
N LEU B 40 29.45 -5.09 -15.61
CA LEU B 40 28.51 -5.57 -14.61
C LEU B 40 28.51 -4.60 -13.44
N GLU B 41 29.68 -4.03 -13.19
CA GLU B 41 29.85 -3.08 -12.16
C GLU B 41 29.20 -1.77 -12.54
N LYS B 42 29.42 -1.31 -13.76
CA LYS B 42 28.84 -0.01 -14.12
C LYS B 42 27.31 -0.07 -14.21
N TYR B 43 26.78 -1.22 -14.62
CA TYR B 43 25.35 -1.34 -14.93
C TYR B 43 24.49 -2.26 -14.05
N TYR B 44 25.11 -3.21 -13.34
CA TYR B 44 24.30 -4.28 -12.74
C TYR B 44 24.37 -4.38 -11.23
N LYS B 45 25.15 -3.52 -10.58
CA LYS B 45 25.30 -3.59 -9.13
C LYS B 45 23.96 -3.53 -8.39
N PHE B 46 22.98 -2.85 -8.94
CA PHE B 46 21.61 -2.93 -8.39
C PHE B 46 21.57 -2.42 -6.97
N GLY B 47 21.70 -1.10 -6.81
CA GLY B 47 21.88 -0.50 -5.50
C GLY B 47 20.63 -0.25 -4.70
N SER B 48 20.61 0.81 -3.93
CA SER B 48 19.47 1.09 -3.07
C SER B 48 18.97 2.53 -3.26
N ARG B 49 19.36 3.16 -4.38
CA ARG B 49 18.92 4.51 -4.69
C ARG B 49 18.28 4.49 -6.08
N HIS B 50 17.28 5.37 -6.35
CA HIS B 50 16.83 5.63 -7.74
C HIS B 50 18.06 5.85 -8.62
N SER B 51 18.77 4.78 -8.96
CA SER B 51 19.83 4.89 -9.91
C SER B 51 19.20 4.71 -11.28
N ALA B 52 19.55 5.55 -12.24
CA ALA B 52 19.00 5.37 -13.60
C ALA B 52 19.20 3.92 -14.10
N GLU B 53 20.35 3.34 -13.77
CA GLU B 53 20.63 1.96 -14.06
C GLU B 53 19.79 0.97 -13.26
N SER B 54 19.46 1.30 -12.02
CA SER B 54 18.59 0.40 -11.26
C SER B 54 17.17 0.40 -11.79
N GLN B 55 16.69 1.57 -12.18
CA GLN B 55 15.29 1.70 -12.62
C GLN B 55 15.11 0.91 -13.90
N ILE B 56 16.06 1.08 -14.83
CA ILE B 56 16.00 0.31 -16.02
C ILE B 56 16.10 -1.18 -15.75
N LEU B 57 17.03 -1.57 -14.90
CA LEU B 57 17.10 -2.96 -14.50
C LEU B 57 15.77 -3.49 -13.90
N LYS B 58 15.13 -2.64 -13.09
CA LYS B 58 13.87 -3.02 -12.47
C LYS B 58 12.85 -3.22 -13.54
N HIS B 59 12.92 -2.39 -14.56
CA HIS B 59 11.93 -2.46 -15.61
C HIS B 59 12.13 -3.65 -16.53
N LEU B 60 13.39 -3.92 -16.86
CA LEU B 60 13.68 -5.08 -17.67
C LEU B 60 13.23 -6.33 -16.94
N LEU B 61 13.46 -6.39 -15.63
CA LEU B 61 12.95 -7.53 -14.84
C LEU B 61 11.38 -7.65 -14.86
N LYS B 62 10.67 -6.55 -14.60
CA LYS B 62 9.21 -6.62 -14.62
C LYS B 62 8.79 -7.10 -15.98
N ASN B 63 9.45 -6.58 -17.02
CA ASN B 63 9.15 -7.01 -18.39
C ASN B 63 9.36 -8.51 -18.66
N LEU B 64 10.51 -9.02 -18.28
CA LEU B 64 10.86 -10.40 -18.51
C LEU B 64 9.89 -11.32 -17.82
N PHE B 65 9.59 -11.00 -16.55
CA PHE B 65 8.60 -11.72 -15.76
C PHE B 65 7.25 -11.81 -16.49
N LYS B 66 6.80 -10.67 -17.01
CA LYS B 66 5.49 -10.63 -17.58
C LYS B 66 5.53 -11.52 -18.77
N ILE B 67 6.66 -11.49 -19.46
CA ILE B 67 6.76 -12.24 -20.68
C ILE B 67 6.88 -13.74 -20.38
N PHE B 68 7.66 -14.11 -19.38
CA PHE B 68 7.95 -15.52 -19.15
C PHE B 68 7.09 -16.17 -18.08
N CYS B 69 6.48 -15.38 -17.21
CA CYS B 69 5.79 -15.96 -16.07
C CYS B 69 4.30 -15.70 -15.98
N LEU B 70 3.72 -15.10 -17.01
CA LEU B 70 2.36 -14.62 -16.93
C LEU B 70 1.75 -14.77 -18.33
N ASP B 71 2.53 -14.45 -19.37
CA ASP B 71 2.15 -14.69 -20.75
C ASP B 71 2.40 -16.18 -20.99
N GLY B 72 2.19 -16.66 -22.22
CA GLY B 72 2.36 -18.10 -22.48
C GLY B 72 3.58 -18.38 -23.35
N VAL B 73 4.73 -17.78 -22.97
CA VAL B 73 5.97 -17.91 -23.75
C VAL B 73 6.85 -18.97 -23.11
N LYS B 74 6.56 -20.25 -23.41
CA LYS B 74 7.27 -21.38 -22.81
C LYS B 74 8.05 -22.14 -23.87
N GLY B 75 8.67 -23.26 -23.49
CA GLY B 75 9.32 -24.06 -24.53
C GLY B 75 10.40 -25.04 -24.14
N ASP B 76 10.82 -25.81 -25.12
CA ASP B 76 11.93 -26.74 -24.94
C ASP B 76 13.24 -25.98 -24.88
N LEU B 77 13.45 -25.08 -25.86
CA LEU B 77 14.74 -24.38 -26.05
C LEU B 77 14.62 -22.85 -26.22
N LEU B 78 15.40 -22.13 -25.39
CA LEU B 78 15.52 -20.69 -25.55
C LEU B 78 16.95 -20.34 -25.83
N ILE B 79 17.18 -19.64 -26.91
CA ILE B 79 18.51 -19.14 -27.19
C ILE B 79 18.64 -17.65 -26.93
N ASP B 80 19.64 -17.29 -26.14
CA ASP B 80 19.90 -15.92 -25.77
C ASP B 80 21.02 -15.32 -26.63
N ILE B 81 20.68 -14.34 -27.44
CA ILE B 81 21.69 -13.75 -28.29
C ILE B 81 22.32 -12.49 -27.68
N GLY B 82 23.59 -12.64 -27.34
CA GLY B 82 24.39 -11.49 -26.91
C GLY B 82 24.33 -11.40 -25.41
N SER B 83 24.30 -12.55 -24.72
CA SER B 83 24.18 -12.56 -23.27
C SER B 83 25.20 -11.69 -22.60
N GLY B 84 26.27 -11.37 -23.32
CA GLY B 84 27.37 -10.65 -22.70
C GLY B 84 27.78 -11.44 -21.46
N PRO B 85 28.19 -10.74 -20.42
CA PRO B 85 28.54 -11.43 -19.15
C PRO B 85 27.40 -11.49 -18.11
N THR B 86 26.16 -11.22 -18.54
CA THR B 86 25.03 -11.06 -17.64
C THR B 86 24.13 -12.27 -17.61
N ILE B 87 23.33 -12.37 -16.54
CA ILE B 87 22.37 -13.48 -16.42
C ILE B 87 21.02 -13.00 -15.96
N TYR B 88 20.91 -11.72 -15.67
CA TYR B 88 19.62 -11.24 -15.19
C TYR B 88 18.46 -11.60 -16.13
N GLN B 89 18.75 -11.65 -17.43
CA GLN B 89 17.63 -11.83 -18.38
C GLN B 89 17.30 -13.28 -18.54
N LEU B 90 17.86 -14.11 -17.68
CA LEU B 90 17.62 -15.50 -17.76
C LEU B 90 16.88 -16.03 -16.56
N LEU B 91 16.74 -15.22 -15.52
CA LEU B 91 16.06 -15.70 -14.31
C LEU B 91 14.59 -16.11 -14.50
N SER B 92 13.84 -15.37 -15.29
CA SER B 92 12.46 -15.72 -15.51
C SER B 92 12.30 -16.76 -16.63
N ALA B 93 13.01 -16.59 -17.75
CA ALA B 93 12.93 -17.57 -18.84
C ALA B 93 13.06 -19.03 -18.33
N CYS B 94 13.77 -19.24 -17.22
CA CYS B 94 14.11 -20.60 -16.80
C CYS B 94 13.01 -21.24 -15.94
N GLU B 95 11.93 -20.50 -15.76
CA GLU B 95 10.73 -21.09 -15.18
C GLU B 95 9.86 -21.57 -16.33
N SER B 96 10.45 -21.63 -17.56
CA SER B 96 9.66 -21.82 -18.78
C SER B 96 10.40 -22.54 -19.91
N PHE B 97 11.69 -22.74 -19.75
CA PHE B 97 12.44 -23.42 -20.80
C PHE B 97 13.28 -24.51 -20.18
N LYS B 98 13.19 -25.68 -20.78
CA LYS B 98 13.96 -26.82 -20.34
C LYS B 98 15.44 -26.55 -20.55
N GLU B 99 15.78 -25.76 -21.58
CA GLU B 99 17.16 -25.58 -21.94
C GLU B 99 17.38 -24.19 -22.49
N ILE B 100 18.34 -23.49 -21.87
CA ILE B 100 18.73 -22.17 -22.27
C ILE B 100 20.13 -22.21 -22.80
N VAL B 101 20.31 -21.80 -24.05
CA VAL B 101 21.63 -21.75 -24.66
C VAL B 101 22.08 -20.29 -24.67
N VAL B 102 23.06 -19.90 -23.87
CA VAL B 102 23.49 -18.51 -23.83
C VAL B 102 24.71 -18.32 -24.75
N THR B 103 24.87 -17.12 -25.32
CA THR B 103 25.87 -16.93 -26.38
C THR B 103 26.35 -15.51 -26.39
N ASP B 104 27.57 -15.27 -26.86
CA ASP B 104 28.05 -13.89 -27.03
C ASP B 104 29.18 -13.89 -27.97
N TYR B 105 29.49 -12.71 -28.49
CA TYR B 105 30.58 -12.57 -29.44
C TYR B 105 31.95 -12.53 -28.74
N SER B 106 32.00 -12.08 -27.51
CA SER B 106 33.26 -11.82 -26.85
C SER B 106 33.65 -13.02 -26.05
N ASP B 107 34.73 -13.68 -26.47
CA ASP B 107 35.15 -14.91 -25.82
C ASP B 107 35.38 -14.66 -24.35
N GLN B 108 35.67 -13.42 -23.99
CA GLN B 108 35.89 -13.11 -22.58
C GLN B 108 34.58 -12.93 -21.80
N ASN B 109 33.52 -12.46 -22.46
CA ASN B 109 32.23 -12.35 -21.77
C ASN B 109 31.71 -13.70 -21.43
N LEU B 110 31.89 -14.61 -22.36
CA LEU B 110 31.57 -16.01 -22.15
C LEU B 110 32.22 -16.52 -20.88
N GLN B 111 33.42 -16.03 -20.57
CA GLN B 111 34.13 -16.55 -19.39
C GLN B 111 33.50 -16.05 -18.07
N GLU B 112 33.33 -14.74 -17.96
CA GLU B 112 32.68 -14.19 -16.83
C GLU B 112 31.39 -14.98 -16.62
N LEU B 113 30.70 -15.31 -17.71
CA LEU B 113 29.46 -16.06 -17.59
C LEU B 113 29.63 -17.35 -16.85
N GLU B 114 30.54 -18.19 -17.37
CA GLU B 114 30.78 -19.52 -16.85
C GLU B 114 31.22 -19.52 -15.39
N LYS B 115 31.88 -18.45 -14.98
CA LYS B 115 32.22 -18.27 -13.58
C LYS B 115 30.98 -18.42 -12.72
N TRP B 116 29.94 -17.70 -13.11
CA TRP B 116 28.71 -17.75 -12.37
C TRP B 116 27.99 -19.09 -12.54
N LEU B 117 28.16 -19.71 -13.71
CA LEU B 117 27.46 -20.97 -13.93
C LEU B 117 28.10 -22.01 -13.06
N LYS B 118 29.42 -21.92 -12.84
CA LYS B 118 30.17 -22.86 -12.01
C LYS B 118 30.11 -22.50 -10.52
N ALA B 119 29.51 -21.36 -10.23
CA ALA B 119 29.34 -20.90 -8.84
C ALA B 119 30.69 -20.61 -8.21
N ALA B 120 31.52 -19.88 -8.92
CA ALA B 120 32.83 -19.52 -8.42
C ALA B 120 32.79 -18.41 -7.40
N PRO B 121 33.46 -18.59 -6.27
CA PRO B 121 33.43 -17.51 -5.30
C PRO B 121 33.88 -16.14 -5.89
N ALA B 122 34.63 -16.18 -6.99
CA ALA B 122 35.11 -14.96 -7.67
C ALA B 122 34.09 -14.41 -8.69
N ALA B 123 33.03 -15.18 -8.91
CA ALA B 123 31.92 -14.76 -9.73
C ALA B 123 31.28 -13.45 -9.26
N PHE B 124 30.64 -12.73 -10.19
CA PHE B 124 29.92 -11.52 -9.84
C PHE B 124 28.73 -11.89 -8.95
N ASP B 125 28.22 -10.93 -8.17
CA ASP B 125 27.20 -11.23 -7.20
C ASP B 125 25.85 -10.79 -7.68
N TRP B 126 24.91 -11.73 -7.87
CA TRP B 126 23.67 -11.38 -8.58
C TRP B 126 22.49 -11.58 -7.71
N SER B 127 22.74 -11.71 -6.42
CA SER B 127 21.65 -12.05 -5.48
C SER B 127 20.79 -10.82 -5.19
N PRO B 128 21.37 -9.62 -5.34
CA PRO B 128 20.52 -8.44 -5.18
C PRO B 128 19.45 -8.57 -6.22
N VAL B 129 19.83 -9.13 -7.37
CA VAL B 129 18.90 -9.30 -8.47
C VAL B 129 18.03 -10.52 -8.32
N VAL B 130 18.61 -11.59 -7.78
CA VAL B 130 17.88 -12.84 -7.66
C VAL B 130 16.72 -12.66 -6.72
N THR B 131 16.97 -11.86 -5.70
CA THR B 131 15.92 -11.51 -4.76
C THR B 131 14.81 -10.75 -5.47
N TYR B 132 15.19 -9.67 -6.18
CA TYR B 132 14.16 -8.87 -6.81
C TYR B 132 13.24 -9.74 -7.68
N VAL B 133 13.82 -10.61 -8.50
CA VAL B 133 13.03 -11.57 -9.27
C VAL B 133 12.27 -12.62 -8.43
N CYS B 134 12.88 -13.15 -7.39
CA CYS B 134 12.17 -14.14 -6.60
C CYS B 134 10.88 -13.53 -6.05
N ASP B 135 10.98 -12.29 -5.55
CA ASP B 135 9.83 -11.57 -5.02
C ASP B 135 8.78 -11.26 -6.06
N LEU B 136 9.21 -10.99 -7.29
CA LEU B 136 8.24 -10.79 -8.36
C LEU B 136 7.49 -12.08 -8.68
N GLU B 137 8.14 -13.22 -8.50
CA GLU B 137 7.53 -14.51 -8.87
C GLU B 137 6.64 -15.15 -7.78
N GLY B 138 6.38 -14.39 -6.72
CA GLY B 138 5.51 -14.91 -5.68
C GLY B 138 6.34 -15.47 -4.54
N ASN B 139 7.62 -15.14 -4.56
CA ASN B 139 8.57 -15.58 -3.53
C ASN B 139 8.41 -17.07 -3.14
N ARG B 140 7.94 -17.84 -4.11
CA ARG B 140 7.62 -19.23 -3.89
C ARG B 140 8.91 -20.04 -3.73
N VAL B 141 10.02 -19.45 -4.17
CA VAL B 141 11.33 -20.07 -4.03
C VAL B 141 12.38 -19.01 -3.66
N LYS B 142 13.37 -19.42 -2.86
CA LYS B 142 14.46 -18.50 -2.47
C LYS B 142 15.68 -18.41 -3.47
N GLY B 143 16.54 -17.45 -3.24
CA GLY B 143 17.67 -17.23 -4.12
C GLY B 143 18.34 -18.50 -4.60
N PRO B 144 19.06 -19.17 -3.68
CA PRO B 144 19.79 -20.39 -3.94
C PRO B 144 19.07 -21.37 -4.85
N GLU B 145 17.75 -21.50 -4.67
CA GLU B 145 16.99 -22.48 -5.44
C GLU B 145 16.67 -21.92 -6.82
N LYS B 146 16.59 -20.59 -6.90
CA LYS B 146 16.37 -20.00 -8.18
C LYS B 146 17.64 -20.09 -9.01
N GLU B 147 18.76 -19.80 -8.36
CA GLU B 147 20.05 -19.78 -9.01
C GLU B 147 20.48 -21.15 -9.49
N GLU B 148 20.05 -22.16 -8.75
CA GLU B 148 20.26 -23.56 -9.16
C GLU B 148 19.43 -23.88 -10.37
N LYS B 149 18.17 -23.47 -10.40
CA LYS B 149 17.35 -23.82 -11.53
C LYS B 149 17.94 -23.33 -12.84
N LEU B 150 18.57 -22.16 -12.81
CA LEU B 150 19.18 -21.57 -14.01
C LEU B 150 20.45 -22.32 -14.44
N ARG B 151 21.32 -22.63 -13.46
CA ARG B 151 22.50 -23.49 -13.69
C ARG B 151 22.11 -24.80 -14.42
N GLN B 152 21.13 -25.53 -13.89
CA GLN B 152 20.70 -26.74 -14.59
C GLN B 152 20.03 -26.40 -15.92
N ALA B 153 19.55 -25.18 -16.09
CA ALA B 153 18.81 -24.86 -17.31
C ALA B 153 19.79 -24.62 -18.46
N VAL B 154 20.88 -23.90 -18.13
CA VAL B 154 21.87 -23.49 -19.14
C VAL B 154 22.70 -24.62 -19.65
N LYS B 155 22.48 -24.99 -20.92
CA LYS B 155 23.07 -26.19 -21.49
C LYS B 155 24.42 -25.87 -22.10
N GLN B 156 24.41 -24.83 -22.90
CA GLN B 156 25.60 -24.50 -23.64
C GLN B 156 25.99 -23.02 -23.58
N VAL B 157 27.22 -22.78 -23.99
CA VAL B 157 27.80 -21.47 -23.97
C VAL B 157 28.58 -21.39 -25.27
N LEU B 158 28.03 -20.66 -26.24
CA LEU B 158 28.58 -20.65 -27.60
C LEU B 158 29.00 -19.29 -28.11
N LYS B 159 30.04 -19.26 -28.93
CA LYS B 159 30.43 -18.05 -29.61
C LYS B 159 29.31 -17.71 -30.55
N CYS B 160 29.01 -16.44 -30.71
CA CYS B 160 27.98 -16.11 -31.63
C CYS B 160 28.21 -14.79 -32.35
N ASP B 161 27.52 -14.60 -33.48
CA ASP B 161 27.72 -13.44 -34.35
C ASP B 161 26.50 -13.13 -35.19
N VAL B 162 25.68 -12.20 -34.72
CA VAL B 162 24.42 -11.90 -35.40
C VAL B 162 24.63 -11.48 -36.86
N THR B 163 25.84 -11.01 -37.17
CA THR B 163 26.09 -10.50 -38.50
C THR B 163 26.21 -11.66 -39.50
N GLN B 164 26.60 -12.83 -39.00
CA GLN B 164 26.85 -13.97 -39.85
C GLN B 164 25.57 -14.73 -40.12
N SER B 165 25.44 -15.23 -41.36
CA SER B 165 24.23 -15.97 -41.76
C SER B 165 23.94 -17.03 -40.76
N GLN B 166 24.98 -17.69 -40.27
CA GLN B 166 24.77 -18.69 -39.23
C GLN B 166 25.57 -18.21 -38.07
N PRO B 167 24.89 -17.55 -37.14
CA PRO B 167 25.55 -16.83 -36.05
C PRO B 167 25.97 -17.75 -34.92
N LEU B 168 25.67 -19.04 -35.01
CA LEU B 168 26.38 -19.99 -34.16
C LEU B 168 27.33 -20.88 -34.99
N GLY B 169 27.65 -20.41 -36.18
CA GLY B 169 28.38 -21.25 -37.12
C GLY B 169 27.81 -22.65 -37.30
N ALA B 170 28.70 -23.61 -37.28
CA ALA B 170 28.32 -25.00 -37.53
C ALA B 170 27.79 -25.79 -36.30
N VAL B 171 27.63 -25.13 -35.16
CA VAL B 171 27.14 -25.86 -33.98
C VAL B 171 25.73 -26.29 -34.29
N PRO B 172 25.49 -27.59 -34.40
CA PRO B 172 24.10 -27.93 -34.68
C PRO B 172 23.13 -27.64 -33.52
N LEU B 173 21.99 -27.01 -33.80
CA LEU B 173 20.95 -26.85 -32.80
C LEU B 173 19.55 -27.13 -33.32
N PRO B 174 18.70 -27.65 -32.45
CA PRO B 174 17.29 -27.88 -32.78
C PRO B 174 16.57 -26.54 -33.00
N PRO B 175 15.61 -26.49 -33.93
CA PRO B 175 14.89 -25.23 -34.07
C PRO B 175 14.42 -24.76 -32.72
N ALA B 176 14.79 -23.53 -32.37
CA ALA B 176 14.50 -22.96 -31.04
C ALA B 176 13.03 -22.62 -30.86
N ASP B 177 12.57 -22.54 -29.63
CA ASP B 177 11.20 -22.17 -29.40
C ASP B 177 11.18 -20.66 -29.19
N CYS B 178 12.30 -20.16 -28.66
CA CYS B 178 12.51 -18.73 -28.43
C CYS B 178 13.95 -18.20 -28.61
N VAL B 179 14.06 -17.09 -29.30
CA VAL B 179 15.31 -16.34 -29.32
C VAL B 179 15.15 -15.06 -28.50
N LEU B 180 16.08 -14.86 -27.57
CA LEU B 180 16.07 -13.71 -26.74
C LEU B 180 17.33 -12.88 -27.05
N SER B 181 17.21 -11.59 -26.87
CA SER B 181 18.37 -10.73 -27.00
C SER B 181 18.15 -9.38 -26.27
N THR B 182 18.94 -9.11 -25.25
CA THR B 182 18.75 -7.89 -24.51
C THR B 182 19.96 -6.93 -24.63
N LEU B 183 19.77 -5.78 -25.25
CA LEU B 183 20.81 -4.72 -25.37
C LEU B 183 21.96 -5.14 -26.25
N CYS B 184 21.73 -6.03 -27.20
CA CYS B 184 22.80 -6.53 -28.02
C CYS B 184 22.73 -5.92 -29.42
N LEU B 185 21.62 -6.15 -30.13
CA LEU B 185 21.53 -5.82 -31.53
C LEU B 185 21.77 -4.36 -31.87
N ASP B 186 21.26 -3.43 -31.06
CA ASP B 186 21.68 -2.05 -31.26
C ASP B 186 23.18 -1.81 -30.98
N ALA B 187 23.85 -2.75 -30.32
CA ALA B 187 25.28 -2.63 -30.07
C ALA B 187 26.11 -3.35 -31.12
N ALA B 188 25.57 -4.41 -31.72
CA ALA B 188 26.36 -5.16 -32.68
C ALA B 188 26.16 -4.72 -34.16
N CYS B 189 25.12 -3.94 -34.45
CA CYS B 189 24.79 -3.57 -35.84
C CYS B 189 25.06 -2.12 -36.14
N PRO B 190 25.93 -1.87 -37.11
CA PRO B 190 26.36 -0.50 -37.44
C PRO B 190 25.34 0.28 -38.27
N ASP B 191 24.47 -0.42 -39.00
CA ASP B 191 23.47 0.25 -39.83
C ASP B 191 22.11 -0.43 -39.73
N LEU B 192 21.22 -0.14 -40.68
CA LEU B 192 19.90 -0.76 -40.66
C LEU B 192 19.96 -2.13 -41.35
N PRO B 193 20.63 -2.18 -42.53
CA PRO B 193 20.74 -3.43 -43.21
C PRO B 193 21.42 -4.53 -42.38
N THR B 194 22.60 -4.26 -41.80
CA THR B 194 23.28 -5.24 -40.96
C THR B 194 22.26 -5.63 -39.91
N TYR B 195 21.66 -4.60 -39.31
CA TYR B 195 20.58 -4.81 -38.36
C TYR B 195 19.48 -5.76 -38.92
N CYS B 196 18.75 -5.33 -39.93
CA CYS B 196 17.76 -6.18 -40.57
C CYS B 196 18.25 -7.61 -40.83
N ARG B 197 19.47 -7.72 -41.36
CA ARG B 197 20.09 -9.03 -41.62
C ARG B 197 20.22 -9.79 -40.31
N ALA B 198 20.72 -9.10 -39.30
CA ALA B 198 20.88 -9.73 -37.98
C ALA B 198 19.54 -10.35 -37.52
N LEU B 199 18.45 -9.61 -37.70
CA LEU B 199 17.14 -10.05 -37.25
C LEU B 199 16.77 -11.25 -38.11
N ARG B 200 17.06 -11.08 -39.39
CA ARG B 200 16.79 -12.11 -40.36
C ARG B 200 17.64 -13.32 -40.05
N ASN B 201 18.84 -13.11 -39.54
CA ASN B 201 19.72 -14.24 -39.29
C ASN B 201 19.28 -15.03 -38.07
N LEU B 202 18.81 -14.30 -37.06
CA LEU B 202 18.41 -14.90 -35.80
C LEU B 202 17.14 -15.73 -35.91
N GLY B 203 16.40 -15.55 -37.00
CA GLY B 203 15.14 -16.24 -37.20
C GLY B 203 15.47 -17.61 -37.76
N SER B 204 16.69 -17.71 -38.30
CA SER B 204 17.11 -18.97 -38.87
C SER B 204 17.25 -20.04 -37.78
N LEU B 205 17.17 -19.63 -36.51
CA LEU B 205 17.31 -20.55 -35.41
C LEU B 205 15.99 -20.89 -34.76
N LEU B 206 14.90 -20.29 -35.22
CA LEU B 206 13.58 -20.53 -34.63
C LEU B 206 12.67 -21.54 -35.34
N LYS B 207 11.77 -22.17 -34.58
CA LYS B 207 10.65 -22.94 -35.16
C LYS B 207 9.66 -21.93 -35.68
N PRO B 208 8.88 -22.32 -36.71
CA PRO B 208 7.79 -21.44 -37.11
C PRO B 208 6.90 -21.10 -35.92
N GLY B 209 6.38 -19.87 -35.92
CA GLY B 209 5.56 -19.33 -34.84
C GLY B 209 6.38 -19.30 -33.56
N GLY B 210 7.69 -19.13 -33.71
CA GLY B 210 8.59 -19.05 -32.56
C GLY B 210 8.72 -17.59 -32.15
N PHE B 211 8.83 -17.38 -30.85
CA PHE B 211 8.92 -16.04 -30.28
C PHE B 211 10.30 -15.38 -30.40
N LEU B 212 10.25 -14.09 -30.67
CA LEU B 212 11.44 -13.27 -30.68
C LEU B 212 11.27 -12.19 -29.60
N VAL B 213 12.00 -12.32 -28.49
CA VAL B 213 11.96 -11.28 -27.45
C VAL B 213 13.20 -10.41 -27.54
N ILE B 214 13.02 -9.11 -27.83
CA ILE B 214 14.15 -8.18 -27.91
C ILE B 214 13.93 -6.95 -27.06
N MET B 215 14.89 -6.66 -26.18
CA MET B 215 14.83 -5.42 -25.40
C MET B 215 16.06 -4.62 -25.69
N ASP B 216 15.88 -3.37 -26.09
CA ASP B 216 17.03 -2.56 -26.40
C ASP B 216 16.83 -1.09 -26.05
N ALA B 217 17.84 -0.30 -26.40
CA ALA B 217 17.86 1.14 -26.20
C ALA B 217 17.27 1.86 -27.40
N LEU B 218 16.60 2.97 -27.16
CA LEU B 218 16.02 3.76 -28.25
C LEU B 218 16.84 4.98 -28.50
N LYS B 219 17.04 5.32 -29.77
CA LYS B 219 17.84 6.49 -30.16
C LYS B 219 19.17 6.72 -29.33
N SER B 220 19.96 5.68 -29.12
CA SER B 220 21.20 5.77 -28.39
C SER B 220 22.31 5.55 -29.38
N SER B 221 23.41 6.27 -29.18
CA SER B 221 24.53 6.23 -30.14
C SER B 221 25.83 5.89 -29.43
N TYR B 222 25.78 5.77 -28.12
CA TYR B 222 26.96 5.32 -27.39
C TYR B 222 26.56 4.80 -25.99
N TYR B 223 27.44 4.07 -25.35
CA TYR B 223 27.27 3.77 -23.96
C TYR B 223 28.69 3.55 -23.40
N MET B 224 28.89 4.04 -22.18
CA MET B 224 30.18 3.99 -21.53
C MET B 224 30.33 2.81 -20.57
N ILE B 225 31.47 2.14 -20.70
CA ILE B 225 31.95 1.25 -19.67
C ILE B 225 33.23 1.89 -19.12
N GLY B 226 33.13 2.52 -17.93
CA GLY B 226 34.22 3.39 -17.46
C GLY B 226 34.39 4.48 -18.52
N GLU B 227 35.58 4.65 -19.10
CA GLU B 227 35.70 5.63 -20.17
C GLU B 227 35.95 5.00 -21.52
N GLN B 228 35.81 3.67 -21.54
CA GLN B 228 35.89 2.93 -22.79
C GLN B 228 34.51 3.08 -23.37
N LYS B 229 34.37 3.98 -24.33
CA LYS B 229 33.08 4.29 -25.00
C LYS B 229 32.78 3.23 -26.06
N PHE B 230 31.52 2.89 -26.31
CA PHE B 230 31.13 1.94 -27.38
C PHE B 230 30.01 2.51 -28.25
N SER B 231 30.12 2.33 -29.55
CA SER B 231 29.01 2.69 -30.46
C SER B 231 27.62 2.09 -30.15
N SER B 232 26.63 2.50 -30.92
CA SER B 232 25.28 2.05 -30.70
C SER B 232 24.39 2.63 -31.83
N LEU B 233 23.90 1.77 -32.72
CA LEU B 233 22.93 2.18 -33.72
C LEU B 233 21.80 2.91 -33.02
N PRO B 234 21.54 4.16 -33.42
CA PRO B 234 20.50 4.84 -32.69
C PRO B 234 19.21 4.78 -33.46
N LEU B 235 18.28 3.93 -33.01
CA LEU B 235 17.02 3.64 -33.73
C LEU B 235 15.81 4.07 -32.95
N GLY B 236 14.72 4.37 -33.65
CA GLY B 236 13.49 4.81 -32.98
C GLY B 236 12.42 3.75 -33.08
N ARG B 237 11.30 3.99 -32.41
CA ARG B 237 10.22 3.05 -32.40
C ARG B 237 9.82 2.60 -33.81
N GLU B 238 9.72 3.53 -34.77
CA GLU B 238 9.26 3.18 -36.13
C GLU B 238 10.27 2.25 -36.82
N ALA B 239 11.53 2.68 -36.84
CA ALA B 239 12.54 1.95 -37.55
C ALA B 239 12.67 0.49 -37.04
N VAL B 240 12.71 0.26 -35.72
CA VAL B 240 12.83 -1.10 -35.20
C VAL B 240 11.66 -1.97 -35.57
N GLU B 241 10.45 -1.40 -35.47
CA GLU B 241 9.26 -2.13 -35.87
C GLU B 241 9.29 -2.56 -37.32
N ALA B 242 9.47 -1.57 -38.19
CA ALA B 242 9.59 -1.80 -39.61
C ALA B 242 10.54 -2.95 -39.94
N ALA B 243 11.73 -2.96 -39.34
CA ALA B 243 12.70 -4.00 -39.62
C ALA B 243 12.28 -5.37 -39.12
N VAL B 244 11.57 -5.43 -38.00
CA VAL B 244 11.25 -6.73 -37.45
C VAL B 244 10.24 -7.36 -38.37
N LYS B 245 9.42 -6.49 -38.95
CA LYS B 245 8.40 -6.90 -39.87
C LYS B 245 9.00 -7.27 -41.20
N GLU B 246 9.96 -6.48 -41.73
CA GLU B 246 10.67 -6.90 -42.97
C GLU B 246 11.43 -8.14 -42.73
N ALA B 247 11.81 -8.37 -41.48
CA ALA B 247 12.63 -9.53 -41.18
C ALA B 247 11.83 -10.84 -41.23
N GLY B 248 10.51 -10.72 -41.32
CA GLY B 248 9.69 -11.92 -41.37
C GLY B 248 8.90 -12.27 -40.13
N TYR B 249 8.48 -11.24 -39.38
CA TYR B 249 7.79 -11.46 -38.10
C TYR B 249 6.54 -10.65 -37.90
N THR B 250 5.61 -11.21 -37.14
CA THR B 250 4.45 -10.46 -36.69
C THR B 250 4.71 -10.07 -35.23
N ILE B 251 4.18 -8.93 -34.80
CA ILE B 251 4.46 -8.41 -33.46
C ILE B 251 3.27 -8.60 -32.55
N GLU B 252 3.43 -9.41 -31.51
CA GLU B 252 2.36 -9.57 -30.52
C GLU B 252 2.27 -8.30 -29.69
N TRP B 253 3.38 -7.79 -29.20
CA TRP B 253 3.29 -6.50 -28.55
C TRP B 253 4.62 -5.80 -28.41
N PHE B 254 4.53 -4.49 -28.29
CA PHE B 254 5.67 -3.59 -28.39
C PHE B 254 5.42 -2.50 -27.33
N GLU B 255 6.42 -2.21 -26.53
CA GLU B 255 6.29 -1.30 -25.42
C GLU B 255 7.47 -0.32 -25.44
N VAL B 256 7.16 0.93 -25.16
CA VAL B 256 8.15 1.98 -25.13
C VAL B 256 8.17 2.60 -23.75
N ILE B 257 9.35 2.77 -23.18
CA ILE B 257 9.41 3.40 -21.87
C ILE B 257 10.44 4.49 -21.91
N SER B 258 10.06 5.65 -21.42
CA SER B 258 10.90 6.84 -21.56
C SER B 258 12.16 6.90 -20.70
N GLN B 259 12.18 6.12 -19.62
CA GLN B 259 13.28 6.07 -18.67
C GLN B 259 14.56 5.77 -19.37
N SER B 260 15.56 6.63 -19.17
CA SER B 260 16.88 6.54 -19.80
C SER B 260 17.96 6.24 -18.79
N TYR B 261 19.21 6.10 -19.26
CA TYR B 261 20.39 5.91 -18.41
C TYR B 261 21.01 7.24 -18.05
N SER B 262 21.66 7.31 -16.88
CA SER B 262 22.44 8.48 -16.49
C SER B 262 23.18 8.90 -17.71
N SER B 263 23.24 10.19 -17.96
CA SER B 263 23.91 10.66 -19.18
C SER B 263 25.39 10.33 -19.25
N THR B 264 26.03 10.25 -18.10
CA THR B 264 27.39 9.79 -18.10
C THR B 264 27.46 8.35 -18.62
N MET B 265 26.30 7.68 -18.74
CA MET B 265 26.31 6.24 -19.03
C MET B 265 26.05 5.96 -20.50
N ALA B 266 24.99 6.61 -21.00
CA ALA B 266 24.48 6.36 -22.34
C ALA B 266 23.62 7.56 -22.72
N ASN B 267 23.62 7.89 -24.01
CA ASN B 267 22.77 8.94 -24.51
C ASN B 267 21.58 8.27 -25.17
N ASN B 268 20.79 7.53 -24.41
CA ASN B 268 19.60 6.89 -25.00
C ASN B 268 18.36 7.75 -24.74
N GLU B 269 17.24 7.36 -25.32
CA GLU B 269 15.99 8.02 -24.99
C GLU B 269 14.95 6.93 -24.70
N GLY B 270 15.01 6.34 -23.53
CA GLY B 270 14.13 5.22 -23.29
C GLY B 270 14.59 3.87 -23.84
N LEU B 271 13.72 2.90 -23.64
CA LEU B 271 14.00 1.54 -24.09
C LEU B 271 12.72 0.93 -24.53
N PHE B 272 12.86 -0.03 -25.43
CA PHE B 272 11.70 -0.75 -26.01
C PHE B 272 11.90 -2.21 -25.75
N SER B 273 10.79 -2.91 -25.61
CA SER B 273 10.88 -4.34 -25.64
C SER B 273 9.70 -4.76 -26.41
N LEU B 274 9.86 -5.83 -27.18
CA LEU B 274 8.74 -6.38 -27.89
C LEU B 274 8.69 -7.92 -27.89
N VAL B 275 7.52 -8.45 -28.22
CA VAL B 275 7.36 -9.85 -28.46
C VAL B 275 6.79 -10.09 -29.88
N ALA B 276 7.41 -11.00 -30.62
CA ALA B 276 7.05 -11.19 -32.03
C ALA B 276 7.12 -12.65 -32.32
N ARG B 277 6.32 -13.08 -33.29
CA ARG B 277 6.32 -14.48 -33.71
C ARG B 277 6.88 -14.63 -35.09
N LYS B 278 7.57 -15.72 -35.31
CA LYS B 278 8.12 -15.97 -36.63
C LYS B 278 7.03 -16.48 -37.59
N LEU B 279 6.86 -15.77 -38.70
CA LEU B 279 5.82 -16.12 -39.65
C LEU B 279 6.01 -17.57 -40.09
N SER B 280 4.90 -18.33 -39.99
CA SER B 280 4.84 -19.76 -40.36
C SER B 280 4.78 -20.03 -41.88
N SER C 22 20.33 -24.18 27.30
CA SER C 22 18.98 -24.64 27.71
C SER C 22 17.95 -24.13 26.71
N GLY C 23 18.25 -24.32 25.42
CA GLY C 23 17.32 -24.02 24.34
C GLY C 23 16.73 -22.62 24.36
N PHE C 24 17.34 -21.73 25.15
CA PHE C 24 16.85 -20.36 25.33
C PHE C 24 17.94 -19.36 24.97
N THR C 25 18.27 -19.30 23.68
CA THR C 25 19.40 -18.50 23.14
C THR C 25 19.93 -17.40 24.06
N SER C 26 21.20 -17.53 24.43
CA SER C 26 21.89 -16.54 25.26
C SER C 26 22.33 -15.33 24.43
N LYS C 27 22.85 -14.31 25.10
CA LYS C 27 23.27 -13.09 24.40
C LYS C 27 24.10 -13.50 23.17
N ASP C 28 25.28 -14.01 23.44
CA ASP C 28 26.21 -14.44 22.39
C ASP C 28 25.58 -15.14 21.17
N THR C 29 24.41 -15.77 21.30
CA THR C 29 23.84 -16.53 20.18
C THR C 29 23.37 -15.58 19.07
N TYR C 30 23.11 -14.33 19.47
CA TYR C 30 22.68 -13.29 18.54
C TYR C 30 23.80 -12.87 17.61
N LEU C 31 25.02 -12.75 18.14
CA LEU C 31 26.19 -12.48 17.26
C LEU C 31 26.56 -13.68 16.39
N SER C 32 26.19 -14.87 16.84
CA SER C 32 26.57 -16.08 16.14
C SER C 32 25.78 -16.41 14.85
N HIS C 33 24.52 -15.99 14.76
CA HIS C 33 23.69 -16.40 13.61
C HIS C 33 22.66 -15.37 13.17
N PHE C 34 22.63 -14.23 13.85
CA PHE C 34 21.71 -13.17 13.50
C PHE C 34 22.16 -12.38 12.26
N ASN C 35 21.85 -12.88 11.07
CA ASN C 35 22.22 -12.21 9.84
C ASN C 35 21.39 -10.95 9.69
N PRO C 36 22.03 -9.76 9.60
CA PRO C 36 21.19 -8.58 9.53
C PRO C 36 20.43 -8.47 8.21
N ARG C 37 21.08 -8.82 7.09
CA ARG C 37 20.47 -8.56 5.79
C ARG C 37 19.40 -9.61 5.55
N ASP C 38 19.55 -10.76 6.18
CA ASP C 38 18.48 -11.75 6.16
C ASP C 38 17.26 -11.24 6.92
N TYR C 39 17.50 -10.75 8.13
CA TYR C 39 16.46 -10.24 9.01
C TYR C 39 15.62 -9.24 8.26
N LEU C 40 16.30 -8.26 7.68
CA LEU C 40 15.60 -7.17 7.04
C LEU C 40 14.94 -7.71 5.81
N GLU C 41 15.69 -8.56 5.11
CA GLU C 41 15.20 -9.13 3.87
C GLU C 41 13.84 -9.80 4.05
N LYS C 42 13.66 -10.56 5.12
CA LYS C 42 12.39 -11.21 5.35
C LYS C 42 11.36 -10.25 5.92
N TYR C 43 11.46 -9.95 7.21
CA TYR C 43 10.48 -9.15 7.93
C TYR C 43 10.25 -7.74 7.46
N TYR C 44 11.22 -7.16 6.75
CA TYR C 44 11.20 -5.72 6.48
C TYR C 44 11.10 -5.36 5.02
N LYS C 45 10.32 -6.15 4.32
CA LYS C 45 10.00 -5.93 2.90
C LYS C 45 8.64 -5.24 2.87
N PHE C 46 8.59 -3.97 2.36
CA PHE C 46 7.41 -3.18 2.75
C PHE C 46 6.07 -3.81 2.46
N GLY C 47 5.02 -3.15 2.99
CA GLY C 47 3.60 -3.47 2.71
C GLY C 47 3.13 -3.29 1.26
N SER C 48 4.04 -3.59 0.32
CA SER C 48 3.72 -3.82 -1.10
C SER C 48 3.25 -5.26 -1.18
N ARG C 49 2.64 -5.63 -2.30
CA ARG C 49 2.01 -6.93 -2.35
C ARG C 49 1.08 -7.00 -1.13
N HIS C 50 1.18 -8.07 -0.31
CA HIS C 50 0.39 -8.11 0.94
C HIS C 50 0.52 -9.43 1.68
N SER C 51 1.37 -9.45 2.71
CA SER C 51 1.63 -10.64 3.52
C SER C 51 1.59 -10.23 4.99
N ALA C 52 1.66 -11.21 5.89
CA ALA C 52 1.51 -10.93 7.32
C ALA C 52 2.65 -10.11 7.93
N GLU C 53 3.87 -10.34 7.47
CA GLU C 53 5.01 -9.60 7.98
C GLU C 53 4.70 -8.13 7.70
N SER C 54 4.42 -7.85 6.44
CA SER C 54 4.21 -6.49 6.08
C SER C 54 2.87 -5.96 6.62
N GLN C 55 1.94 -6.85 6.94
CA GLN C 55 0.69 -6.42 7.61
C GLN C 55 0.98 -5.93 9.04
N ILE C 56 1.98 -6.56 9.65
CA ILE C 56 2.38 -6.22 10.99
C ILE C 56 3.20 -4.95 10.93
N LEU C 57 4.16 -4.90 10.00
CA LEU C 57 4.97 -3.70 9.84
C LEU C 57 4.06 -2.47 9.78
N LYS C 58 2.97 -2.61 9.05
CA LYS C 58 2.03 -1.55 8.86
C LYS C 58 1.28 -1.20 10.16
N HIS C 59 0.85 -2.19 10.92
CA HIS C 59 0.19 -1.81 12.16
C HIS C 59 1.19 -1.09 13.09
N LEU C 60 2.48 -1.42 12.93
CA LEU C 60 3.49 -0.91 13.82
C LEU C 60 3.63 0.53 13.51
N LEU C 61 3.92 0.78 12.24
CA LEU C 61 3.97 2.14 11.71
C LEU C 61 2.78 3.04 12.11
N LYS C 62 1.53 2.54 12.03
CA LYS C 62 0.42 3.43 12.34
C LYS C 62 0.49 3.67 13.82
N ASN C 63 0.98 2.66 14.54
CA ASN C 63 1.18 2.83 15.98
C ASN C 63 2.24 3.88 16.33
N LEU C 64 3.38 3.76 15.66
CA LEU C 64 4.45 4.72 15.91
C LEU C 64 3.97 6.10 15.50
N PHE C 65 3.28 6.21 14.38
CA PHE C 65 2.68 7.46 13.99
C PHE C 65 1.76 7.97 15.05
N LYS C 66 0.87 7.10 15.52
CA LYS C 66 -0.07 7.51 16.55
C LYS C 66 0.60 8.03 17.85
N ILE C 67 1.70 7.40 18.25
CA ILE C 67 2.36 7.72 19.54
C ILE C 67 3.28 8.94 19.43
N PHE C 68 4.05 9.02 18.34
CA PHE C 68 4.98 10.11 18.20
C PHE C 68 4.52 11.37 17.45
N CYS C 69 3.41 11.28 16.71
CA CYS C 69 2.97 12.39 15.82
C CYS C 69 1.56 12.90 16.06
N LEU C 70 0.84 12.28 16.98
CA LEU C 70 -0.53 12.65 17.22
C LEU C 70 -0.68 12.91 18.69
N ASP C 71 -0.17 12.02 19.53
CA ASP C 71 -0.23 12.23 20.95
C ASP C 71 0.67 13.35 21.45
N GLY C 72 1.18 13.20 22.64
CA GLY C 72 2.09 14.22 23.14
C GLY C 72 3.54 13.81 23.27
N VAL C 73 3.90 12.60 22.81
CA VAL C 73 5.24 12.06 23.06
C VAL C 73 6.39 12.82 22.34
N LYS C 74 6.87 13.92 22.95
CA LYS C 74 7.91 14.80 22.35
C LYS C 74 9.13 14.87 23.28
N GLY C 75 10.29 15.31 22.79
CA GLY C 75 11.46 15.42 23.64
C GLY C 75 12.75 15.75 22.95
N ASP C 76 13.82 15.97 23.68
CA ASP C 76 15.09 16.25 23.02
C ASP C 76 15.71 14.99 22.60
N LEU C 77 15.68 14.01 23.49
CA LEU C 77 16.41 12.80 23.31
C LEU C 77 15.53 11.53 23.43
N LEU C 78 15.58 10.69 22.41
CA LEU C 78 14.97 9.38 22.48
C LEU C 78 16.08 8.36 22.35
N ILE C 79 15.95 7.27 23.08
CA ILE C 79 16.93 6.22 23.06
C ILE C 79 16.22 4.98 22.54
N ASP C 80 16.78 4.41 21.50
CA ASP C 80 16.17 3.27 20.91
C ASP C 80 16.89 1.94 21.21
N ILE C 81 16.29 1.09 22.06
CA ILE C 81 16.91 -0.18 22.51
C ILE C 81 16.67 -1.40 21.58
N GLY C 82 17.68 -2.25 21.43
CA GLY C 82 17.54 -3.42 20.54
C GLY C 82 17.09 -3.00 19.15
N SER C 83 17.60 -1.87 18.67
CA SER C 83 17.09 -1.30 17.42
C SER C 83 17.34 -2.29 16.32
N GLY C 84 18.40 -3.07 16.49
CA GLY C 84 18.78 -4.08 15.50
C GLY C 84 19.26 -3.33 14.28
N PRO C 85 19.12 -3.93 13.10
CA PRO C 85 19.56 -3.27 11.90
C PRO C 85 18.46 -2.47 11.17
N THR C 86 17.40 -2.08 11.87
CA THR C 86 16.25 -1.49 11.22
C THR C 86 16.09 -0.09 11.66
N ILE C 87 15.23 0.67 10.98
CA ILE C 87 15.06 2.06 11.25
C ILE C 87 13.62 2.45 11.13
N TYR C 88 12.77 1.51 10.68
CA TYR C 88 11.34 1.73 10.54
C TYR C 88 10.83 2.32 11.85
N GLN C 89 11.41 1.84 12.96
CA GLN C 89 10.86 2.23 14.27
C GLN C 89 11.19 3.67 14.57
N LEU C 90 11.98 4.29 13.70
CA LEU C 90 12.40 5.65 14.03
C LEU C 90 11.80 6.77 13.17
N LEU C 91 11.33 6.46 12.00
CA LEU C 91 10.77 7.44 11.08
C LEU C 91 9.79 8.45 11.62
N SER C 92 8.91 8.10 12.54
CA SER C 92 8.05 9.16 13.08
C SER C 92 8.63 9.85 14.29
N ALA C 93 9.38 9.08 15.07
CA ALA C 93 9.98 9.61 16.27
C ALA C 93 10.84 10.82 15.97
N CYS C 94 11.54 10.80 14.83
CA CYS C 94 12.39 11.88 14.48
C CYS C 94 11.57 13.03 13.99
N GLU C 95 10.34 13.14 14.45
CA GLU C 95 9.51 14.30 14.14
C GLU C 95 9.34 14.99 15.47
N SER C 96 9.56 14.27 16.56
CA SER C 96 9.40 14.81 17.90
C SER C 96 10.61 14.65 18.83
N PHE C 97 11.81 14.54 18.28
CA PHE C 97 12.99 14.41 19.10
C PHE C 97 14.18 15.03 18.42
N LYS C 98 14.84 15.91 19.17
CA LYS C 98 16.02 16.61 18.71
C LYS C 98 17.03 15.58 18.32
N GLU C 99 17.36 14.72 19.26
CA GLU C 99 18.33 13.72 18.98
C GLU C 99 17.77 12.32 19.15
N ILE C 100 18.38 11.35 18.45
CA ILE C 100 18.05 9.94 18.60
C ILE C 100 19.32 9.08 18.72
N VAL C 101 19.33 8.16 19.66
CA VAL C 101 20.51 7.30 19.84
C VAL C 101 20.07 5.85 19.62
N VAL C 102 20.72 5.11 18.70
CA VAL C 102 20.30 3.74 18.48
C VAL C 102 21.25 2.84 19.23
N THR C 103 20.76 1.72 19.72
CA THR C 103 21.58 0.81 20.48
C THR C 103 21.14 -0.62 20.23
N ASP C 104 22.11 -1.53 20.28
CA ASP C 104 21.86 -2.95 20.02
C ASP C 104 23.01 -3.73 20.59
N TYR C 105 22.73 -4.96 20.94
CA TYR C 105 23.76 -5.79 21.54
C TYR C 105 24.76 -6.31 20.51
N SER C 106 24.33 -6.41 19.26
CA SER C 106 25.21 -6.89 18.21
C SER C 106 25.83 -5.77 17.39
N ASP C 107 27.17 -5.82 17.24
CA ASP C 107 27.90 -4.81 16.49
C ASP C 107 27.63 -4.91 15.01
N GLN C 108 27.60 -6.14 14.50
CA GLN C 108 27.42 -6.35 13.06
C GLN C 108 26.07 -5.79 12.65
N ASN C 109 25.09 -5.99 13.54
CA ASN C 109 23.75 -5.43 13.35
C ASN C 109 23.81 -3.93 13.18
N LEU C 110 24.37 -3.28 14.21
CA LEU C 110 24.62 -1.85 14.16
C LEU C 110 25.35 -1.42 12.90
N GLN C 111 26.33 -2.21 12.46
CA GLN C 111 27.07 -1.84 11.28
C GLN C 111 26.16 -1.63 10.07
N GLU C 112 25.14 -2.48 9.97
CA GLU C 112 24.20 -2.40 8.89
C GLU C 112 23.40 -1.12 9.04
N LEU C 113 23.11 -0.77 10.27
CA LEU C 113 22.40 0.43 10.52
C LEU C 113 23.21 1.58 9.93
N GLU C 114 24.50 1.55 10.20
CA GLU C 114 25.39 2.61 9.83
C GLU C 114 25.58 2.73 8.32
N LYS C 115 25.52 1.60 7.62
CA LYS C 115 25.57 1.68 6.17
C LYS C 115 24.37 2.48 5.64
N TRP C 116 23.25 2.42 6.36
CA TRP C 116 22.09 3.12 5.87
C TRP C 116 22.23 4.60 6.15
N LEU C 117 22.79 4.93 7.31
CA LEU C 117 22.86 6.32 7.70
C LEU C 117 23.82 6.95 6.75
N LYS C 118 24.89 6.23 6.42
CA LYS C 118 25.93 6.81 5.57
C LYS C 118 25.53 6.91 4.11
N ALA C 119 24.47 6.20 3.73
CA ALA C 119 24.00 6.22 2.36
C ALA C 119 24.92 5.35 1.50
N ALA C 120 24.40 4.20 1.08
CA ALA C 120 25.24 3.28 0.34
C ALA C 120 24.44 2.39 -0.60
N PRO C 121 25.03 2.11 -1.75
CA PRO C 121 24.41 1.17 -2.68
C PRO C 121 24.00 -0.09 -1.93
N ALA C 122 24.91 -0.60 -1.11
CA ALA C 122 24.65 -1.81 -0.34
C ALA C 122 23.61 -1.59 0.78
N ALA C 123 23.32 -0.34 1.13
CA ALA C 123 22.32 -0.08 2.18
C ALA C 123 20.93 -0.57 1.82
N PHE C 124 20.25 -1.14 2.81
CA PHE C 124 18.89 -1.56 2.65
C PHE C 124 18.10 -0.45 1.98
N ASP C 125 16.96 -0.85 1.44
CA ASP C 125 16.07 0.08 0.83
C ASP C 125 14.88 0.17 1.73
N TRP C 126 14.62 1.37 2.27
CA TRP C 126 13.45 1.54 3.16
C TRP C 126 12.39 2.42 2.49
N SER C 127 12.80 2.99 1.36
CA SER C 127 11.97 3.92 0.59
C SER C 127 10.46 3.73 0.71
N PRO C 128 9.97 2.51 0.41
CA PRO C 128 8.53 2.23 0.53
C PRO C 128 8.02 2.42 1.95
N VAL C 129 8.79 1.96 2.93
CA VAL C 129 8.42 2.20 4.30
C VAL C 129 8.55 3.69 4.60
N VAL C 130 9.52 4.37 3.96
CA VAL C 130 9.74 5.81 4.20
C VAL C 130 8.58 6.52 3.56
N THR C 131 8.27 6.16 2.32
CA THR C 131 7.10 6.73 1.64
C THR C 131 5.82 6.37 2.33
N TYR C 132 5.78 5.22 2.99
CA TYR C 132 4.54 4.85 3.69
C TYR C 132 4.25 5.84 4.85
N VAL C 133 5.29 6.14 5.62
CA VAL C 133 5.19 7.08 6.73
C VAL C 133 4.90 8.52 6.33
N CYS C 134 5.54 8.99 5.26
CA CYS C 134 5.25 10.37 4.86
C CYS C 134 3.77 10.47 4.57
N ASP C 135 3.23 9.40 3.97
CA ASP C 135 1.80 9.29 3.74
C ASP C 135 1.03 9.44 5.03
N LEU C 136 1.40 8.66 6.03
CA LEU C 136 0.68 8.72 7.26
C LEU C 136 0.75 10.12 7.85
N GLU C 137 1.87 10.80 7.64
CA GLU C 137 2.03 12.15 8.19
C GLU C 137 1.37 13.22 7.32
N GLY C 138 0.65 12.78 6.29
CA GLY C 138 -0.05 13.70 5.39
C GLY C 138 0.90 14.35 4.42
N ASN C 139 1.69 13.54 3.73
CA ASN C 139 2.69 14.05 2.80
C ASN C 139 3.12 15.49 3.00
N ARG C 140 3.36 15.90 4.24
CA ARG C 140 4.07 17.18 4.42
C ARG C 140 5.43 17.14 3.65
N VAL C 141 6.27 16.18 3.96
CA VAL C 141 7.57 16.06 3.33
C VAL C 141 7.59 14.80 2.47
N LYS C 142 8.59 14.71 1.60
CA LYS C 142 8.78 13.53 0.78
C LYS C 142 9.87 12.66 1.36
N GLY C 143 9.90 11.39 0.92
CA GLY C 143 10.86 10.38 1.38
C GLY C 143 12.27 10.88 1.55
N PRO C 144 12.86 11.36 0.47
CA PRO C 144 14.24 11.88 0.42
C PRO C 144 14.50 12.83 1.55
N GLU C 145 13.50 13.66 1.84
CA GLU C 145 13.60 14.62 2.90
C GLU C 145 13.45 13.97 4.26
N LYS C 146 12.51 13.05 4.36
CA LYS C 146 12.23 12.39 5.63
C LYS C 146 13.40 11.53 6.06
N GLU C 147 14.07 10.91 5.08
CA GLU C 147 15.24 10.13 5.41
C GLU C 147 16.38 11.00 5.93
N GLU C 148 16.61 12.13 5.28
CA GLU C 148 17.65 13.06 5.74
C GLU C 148 17.33 13.57 7.14
N LYS C 149 16.06 13.69 7.48
CA LYS C 149 15.75 14.23 8.76
C LYS C 149 16.19 13.23 9.82
N LEU C 150 15.90 11.97 9.53
CA LEU C 150 16.26 10.92 10.44
C LEU C 150 17.80 10.78 10.48
N ARG C 151 18.45 10.79 9.32
CA ARG C 151 19.87 10.82 9.30
C ARG C 151 20.41 11.93 10.23
N GLN C 152 19.81 13.11 10.23
CA GLN C 152 20.35 14.21 11.08
C GLN C 152 20.18 13.76 12.53
N ALA C 153 18.93 13.42 12.86
CA ALA C 153 18.52 13.04 14.22
C ALA C 153 19.52 12.10 14.93
N VAL C 154 19.77 10.93 14.34
CA VAL C 154 20.66 9.94 14.91
C VAL C 154 22.00 10.55 15.25
N LYS C 155 22.26 10.74 16.55
CA LYS C 155 23.49 11.31 17.05
C LYS C 155 24.50 10.22 17.36
N GLN C 156 24.03 9.08 17.87
CA GLN C 156 24.95 7.96 18.18
C GLN C 156 24.45 6.55 17.90
N VAL C 157 25.42 5.64 17.77
CA VAL C 157 25.20 4.21 17.52
C VAL C 157 26.08 3.44 18.51
N LEU C 158 25.44 2.65 19.40
CA LEU C 158 26.07 2.11 20.63
C LEU C 158 25.84 0.63 20.98
N LYS C 159 26.84 -0.01 21.57
CA LYS C 159 26.72 -1.38 22.10
C LYS C 159 25.64 -1.41 23.16
N CYS C 160 24.79 -2.44 23.15
CA CYS C 160 23.61 -2.46 24.04
C CYS C 160 23.42 -3.77 24.78
N ASP C 161 22.84 -3.70 25.99
CA ASP C 161 22.54 -4.93 26.76
C ASP C 161 21.53 -4.74 27.86
N VAL C 162 20.26 -4.96 27.53
CA VAL C 162 19.17 -4.71 28.49
C VAL C 162 19.32 -5.46 29.79
N THR C 163 19.99 -6.62 29.75
CA THR C 163 20.19 -7.40 30.97
C THR C 163 21.07 -6.69 32.02
N GLN C 164 22.21 -6.13 31.59
CA GLN C 164 23.13 -5.48 32.52
C GLN C 164 22.53 -4.22 33.18
N SER C 165 22.86 -3.98 34.45
CA SER C 165 22.38 -2.81 35.21
C SER C 165 22.43 -1.50 34.41
N GLN C 166 23.50 -1.32 33.62
CA GLN C 166 23.67 -0.14 32.78
C GLN C 166 23.83 -0.69 31.38
N PRO C 167 22.72 -0.74 30.64
CA PRO C 167 22.66 -1.30 29.31
C PRO C 167 23.56 -0.55 28.34
N LEU C 168 23.64 0.75 28.50
CA LEU C 168 24.52 1.52 27.65
C LEU C 168 25.94 1.50 28.24
N GLY C 169 26.10 0.74 29.32
CA GLY C 169 27.38 0.58 30.01
C GLY C 169 27.58 1.72 30.98
N ALA C 170 28.05 2.85 30.42
CA ALA C 170 28.39 4.03 31.17
C ALA C 170 28.44 5.19 30.20
N VAL C 171 28.47 4.90 28.90
CA VAL C 171 28.40 5.98 27.94
C VAL C 171 27.47 7.10 28.45
N PRO C 172 28.09 8.21 28.84
CA PRO C 172 27.32 9.28 29.44
C PRO C 172 26.33 9.84 28.42
N LEU C 173 25.11 10.14 28.88
CA LEU C 173 24.01 10.69 28.11
C LEU C 173 23.06 11.32 29.09
N PRO C 174 22.47 12.46 28.74
CA PRO C 174 21.50 13.07 29.68
C PRO C 174 20.34 12.13 29.87
N PRO C 175 19.70 12.19 31.05
CA PRO C 175 18.46 11.36 31.19
C PRO C 175 17.58 11.55 29.96
N ALA C 176 17.05 10.46 29.41
CA ALA C 176 16.28 10.50 28.17
C ALA C 176 14.83 10.89 28.40
N ASP C 177 14.25 11.57 27.42
CA ASP C 177 12.81 11.89 27.44
C ASP C 177 11.99 10.65 27.06
N CYS C 178 12.56 9.73 26.28
CA CYS C 178 11.83 8.54 25.92
C CYS C 178 12.66 7.36 25.47
N VAL C 179 12.48 6.20 26.07
CA VAL C 179 13.17 5.02 25.59
C VAL C 179 12.24 4.19 24.75
N LEU C 180 12.69 3.78 23.56
CA LEU C 180 11.86 2.99 22.69
C LEU C 180 12.53 1.67 22.43
N SER C 181 11.75 0.58 22.57
CA SER C 181 12.24 -0.74 22.22
C SER C 181 11.25 -1.46 21.32
N THR C 182 11.61 -1.85 20.11
CA THR C 182 10.66 -2.63 19.34
C THR C 182 11.18 -4.08 19.31
N LEU C 183 10.28 -5.05 19.42
CA LEU C 183 10.56 -6.48 19.17
C LEU C 183 11.93 -6.96 19.69
N CYS C 184 12.37 -6.34 20.79
CA CYS C 184 13.68 -6.62 21.39
C CYS C 184 13.53 -7.46 22.67
N LEU C 185 13.00 -6.83 23.73
CA LEU C 185 12.81 -7.42 25.04
C LEU C 185 12.40 -8.88 25.08
N ASP C 186 11.20 -9.16 24.61
CA ASP C 186 10.72 -10.52 24.56
C ASP C 186 11.80 -11.53 24.18
N ALA C 187 12.63 -11.18 23.22
CA ALA C 187 13.65 -12.12 22.71
C ALA C 187 14.88 -12.12 23.56
N ALA C 188 14.99 -11.17 24.47
CA ALA C 188 16.18 -11.10 25.31
C ALA C 188 15.84 -11.30 26.78
N CYS C 189 14.95 -12.22 27.11
CA CYS C 189 14.64 -12.48 28.49
C CYS C 189 14.03 -13.85 28.60
N PRO C 190 14.87 -14.90 28.76
CA PRO C 190 14.34 -16.26 28.91
C PRO C 190 13.60 -16.50 30.26
N ASP C 191 12.94 -15.47 30.79
CA ASP C 191 12.27 -15.55 32.08
C ASP C 191 11.82 -14.18 32.56
N LEU C 192 10.67 -14.13 33.22
CA LEU C 192 10.08 -12.84 33.64
C LEU C 192 10.83 -12.16 34.79
N PRO C 193 11.69 -12.90 35.51
CA PRO C 193 12.46 -12.18 36.51
C PRO C 193 13.60 -11.30 35.96
N THR C 194 14.32 -11.77 34.93
CA THR C 194 15.27 -10.88 34.21
C THR C 194 14.48 -9.83 33.44
N TYR C 195 13.51 -10.30 32.68
CA TYR C 195 12.73 -9.43 31.82
C TYR C 195 12.23 -8.25 32.63
N CYS C 196 11.82 -8.53 33.85
CA CYS C 196 11.31 -7.50 34.73
C CYS C 196 12.38 -6.46 35.09
N ARG C 197 13.61 -6.92 35.38
CA ARG C 197 14.70 -6.04 35.71
C ARG C 197 15.00 -5.17 34.47
N ALA C 198 15.14 -5.86 33.33
CA ALA C 198 15.35 -5.21 32.05
C ALA C 198 14.46 -3.94 31.94
N LEU C 199 13.17 -4.05 32.20
CA LEU C 199 12.32 -2.89 32.12
C LEU C 199 12.92 -1.72 32.88
N ARG C 200 13.21 -1.93 34.17
CA ARG C 200 13.76 -0.83 34.98
C ARG C 200 15.24 -0.65 34.70
N ASN C 201 15.86 -1.66 34.10
CA ASN C 201 17.22 -1.50 33.64
C ASN C 201 17.22 -0.40 32.58
N LEU C 202 16.13 -0.33 31.82
CA LEU C 202 15.97 0.70 30.82
C LEU C 202 15.44 1.93 31.51
N GLY C 203 14.62 1.71 32.53
CA GLY C 203 14.05 2.80 33.30
C GLY C 203 15.15 3.81 33.63
N SER C 204 16.35 3.31 33.90
CA SER C 204 17.37 4.18 34.42
C SER C 204 17.92 5.16 33.43
N LEU C 205 17.64 4.95 32.15
CA LEU C 205 18.12 5.86 31.16
C LEU C 205 17.08 6.89 31.00
N LEU C 206 15.97 6.73 31.71
CA LEU C 206 14.83 7.63 31.56
C LEU C 206 14.67 8.74 32.58
N LYS C 207 14.54 9.98 32.12
CA LYS C 207 14.19 11.05 33.05
C LYS C 207 12.92 10.68 33.81
N PRO C 208 12.79 11.07 35.08
CA PRO C 208 11.54 10.71 35.76
C PRO C 208 10.41 11.38 35.00
N GLY C 209 9.30 10.64 34.80
CA GLY C 209 8.13 11.16 34.08
C GLY C 209 8.32 11.09 32.58
N GLY C 210 9.25 10.23 32.17
CA GLY C 210 9.58 10.09 30.75
C GLY C 210 8.84 8.89 30.19
N PHE C 211 8.86 8.77 28.87
CA PHE C 211 8.08 7.76 28.25
C PHE C 211 8.88 6.53 27.93
N LEU C 212 8.21 5.41 28.09
CA LEU C 212 8.76 4.13 27.67
C LEU C 212 7.78 3.57 26.63
N VAL C 213 8.30 3.28 25.44
CA VAL C 213 7.48 2.80 24.36
C VAL C 213 7.98 1.41 24.01
N ILE C 214 7.13 0.41 24.18
CA ILE C 214 7.49 -0.97 23.89
C ILE C 214 6.52 -1.67 22.90
N MET C 215 7.05 -2.29 21.87
CA MET C 215 6.20 -2.96 20.93
C MET C 215 6.78 -4.36 20.76
N ASP C 216 5.98 -5.40 20.99
CA ASP C 216 6.49 -6.77 21.02
C ASP C 216 5.40 -7.87 20.83
N ALA C 217 5.78 -9.13 20.64
CA ALA C 217 4.79 -10.23 20.41
C ALA C 217 4.14 -10.68 21.69
N LEU C 218 2.85 -10.99 21.64
CA LEU C 218 2.16 -11.54 22.80
C LEU C 218 2.01 -13.01 22.57
N LYS C 219 2.43 -13.80 23.56
CA LYS C 219 2.29 -15.25 23.52
C LYS C 219 2.98 -15.83 22.28
N SER C 220 4.30 -15.89 22.36
CA SER C 220 5.14 -16.29 21.25
C SER C 220 6.43 -16.85 21.82
N SER C 221 6.75 -18.07 21.44
CA SER C 221 7.92 -18.73 21.97
C SER C 221 9.17 -18.51 21.12
N TYR C 222 9.03 -18.32 19.82
CA TYR C 222 10.23 -18.15 19.00
C TYR C 222 9.95 -17.24 17.79
N TYR C 223 10.94 -17.08 16.91
CA TYR C 223 10.69 -16.43 15.61
C TYR C 223 11.75 -16.77 14.55
N MET C 224 11.28 -17.11 13.32
CA MET C 224 12.21 -17.68 12.32
C MET C 224 12.83 -16.66 11.37
N ILE C 225 14.15 -16.58 11.40
CA ILE C 225 14.87 -15.77 10.43
C ILE C 225 15.19 -16.65 9.25
N GLY C 226 14.40 -16.48 8.19
CA GLY C 226 14.49 -17.35 7.04
C GLY C 226 14.01 -18.70 7.50
N GLU C 227 14.91 -19.34 8.27
CA GLU C 227 14.62 -20.55 9.03
C GLU C 227 15.81 -20.77 9.95
N GLN C 228 15.72 -20.08 11.10
CA GLN C 228 16.76 -20.01 12.10
C GLN C 228 16.06 -19.64 13.42
N LYS C 229 15.59 -20.65 14.13
CA LYS C 229 14.89 -20.43 15.39
C LYS C 229 15.62 -19.43 16.27
N PHE C 230 14.83 -18.58 16.93
CA PHE C 230 15.33 -17.68 17.94
C PHE C 230 14.38 -17.69 19.11
N SER C 231 14.94 -17.77 20.32
CA SER C 231 14.14 -17.73 21.52
C SER C 231 13.21 -16.52 21.62
N SER C 232 12.10 -16.70 22.33
CA SER C 232 11.13 -15.64 22.58
C SER C 232 10.29 -15.94 23.84
N LEU C 233 10.38 -15.09 24.85
CA LEU C 233 9.52 -15.25 26.03
C LEU C 233 8.00 -15.07 25.75
N PRO C 234 7.18 -16.12 26.01
CA PRO C 234 5.72 -16.06 25.92
C PRO C 234 5.06 -15.21 27.04
N LEU C 235 4.14 -14.29 26.66
CA LEU C 235 3.51 -13.37 27.62
C LEU C 235 2.21 -12.81 27.08
N GLY C 236 1.49 -12.05 27.90
CA GLY C 236 0.23 -11.48 27.46
C GLY C 236 -0.24 -10.38 28.39
N ARG C 237 -1.16 -9.57 27.91
CA ARG C 237 -1.75 -8.46 28.69
C ARG C 237 -1.29 -8.31 30.14
N GLU C 238 -1.78 -9.21 31.00
CA GLU C 238 -1.57 -9.13 32.45
C GLU C 238 -0.10 -9.26 32.80
N ALA C 239 0.53 -10.37 32.40
CA ALA C 239 1.97 -10.63 32.60
C ALA C 239 2.83 -9.41 32.32
N VAL C 240 2.54 -8.76 31.20
CA VAL C 240 3.22 -7.56 30.79
C VAL C 240 2.91 -6.37 31.66
N GLU C 241 1.63 -6.10 31.89
CA GLU C 241 1.25 -5.00 32.76
C GLU C 241 1.85 -5.20 34.15
N ALA C 242 1.85 -6.47 34.60
CA ALA C 242 2.44 -6.79 35.90
C ALA C 242 3.85 -6.21 36.02
N ALA C 243 4.64 -6.41 34.97
CA ALA C 243 6.07 -6.11 34.99
C ALA C 243 6.35 -4.63 34.75
N VAL C 244 5.49 -3.94 34.03
CA VAL C 244 5.72 -2.53 33.77
C VAL C 244 5.40 -1.66 34.99
N LYS C 245 4.42 -2.14 35.76
CA LYS C 245 3.98 -1.50 36.98
C LYS C 245 5.00 -1.93 38.00
N GLU C 246 5.42 -3.17 37.88
CA GLU C 246 6.52 -3.69 38.68
C GLU C 246 7.74 -2.78 38.64
N ALA C 247 8.29 -2.61 37.43
CA ALA C 247 9.55 -1.91 37.22
C ALA C 247 9.44 -0.40 37.40
N GLY C 248 8.26 0.07 37.79
CA GLY C 248 8.15 1.43 38.31
C GLY C 248 7.54 2.40 37.31
N TYR C 249 6.90 1.85 36.28
CA TYR C 249 6.15 2.73 35.38
C TYR C 249 4.64 2.54 35.44
N THR C 250 3.94 3.63 35.12
CA THR C 250 2.49 3.70 35.07
C THR C 250 2.00 3.63 33.62
N ILE C 251 1.12 2.69 33.29
CA ILE C 251 0.70 2.51 31.91
C ILE C 251 -0.26 3.58 31.41
N GLU C 252 -0.12 3.94 30.14
CA GLU C 252 -0.89 5.06 29.64
C GLU C 252 -1.51 4.73 28.29
N TRP C 253 -1.04 3.63 27.70
CA TRP C 253 -1.55 3.24 26.42
C TRP C 253 -1.16 1.81 26.19
N PHE C 254 -2.17 0.97 26.01
CA PHE C 254 -1.97 -0.41 25.68
C PHE C 254 -2.82 -0.78 24.49
N GLU C 255 -2.30 -1.65 23.62
CA GLU C 255 -2.97 -2.04 22.38
C GLU C 255 -2.57 -3.45 22.01
N VAL C 256 -3.57 -4.31 21.83
CA VAL C 256 -3.33 -5.68 21.36
C VAL C 256 -3.81 -5.83 19.93
N ILE C 257 -3.16 -6.68 19.17
CA ILE C 257 -3.65 -6.95 17.82
C ILE C 257 -3.39 -8.39 17.37
N SER C 258 -4.46 -9.17 17.26
CA SER C 258 -4.39 -10.62 16.94
C SER C 258 -3.53 -11.02 15.72
N GLN C 259 -3.36 -10.09 14.78
CA GLN C 259 -2.45 -10.31 13.68
C GLN C 259 -1.26 -11.21 14.08
N SER C 260 -0.76 -12.02 13.13
CA SER C 260 0.40 -12.88 13.39
C SER C 260 1.27 -13.16 12.15
N TYR C 261 2.59 -13.05 12.33
CA TYR C 261 3.57 -13.37 11.30
C TYR C 261 3.14 -14.67 10.67
N SER C 262 3.33 -14.76 9.35
CA SER C 262 2.96 -15.96 8.64
C SER C 262 3.22 -17.00 9.72
N SER C 263 2.27 -17.94 9.85
CA SER C 263 2.35 -18.99 10.86
C SER C 263 3.60 -19.82 10.56
N THR C 264 4.38 -19.41 9.56
CA THR C 264 5.59 -20.14 9.12
C THR C 264 6.90 -19.43 9.51
N MET C 265 6.76 -18.39 10.35
CA MET C 265 7.92 -17.66 10.91
C MET C 265 7.76 -17.38 12.40
N ALA C 266 6.59 -17.73 12.95
CA ALA C 266 6.38 -17.51 14.38
C ALA C 266 5.02 -17.94 14.88
N ASN C 267 5.03 -18.58 16.06
CA ASN C 267 3.80 -18.99 16.76
C ASN C 267 3.19 -17.84 17.56
N ASN C 268 3.27 -16.62 17.02
CA ASN C 268 2.79 -15.46 17.75
C ASN C 268 1.27 -15.28 17.65
N GLU C 269 0.63 -15.04 18.78
CA GLU C 269 -0.74 -14.62 18.73
C GLU C 269 -0.73 -13.09 18.96
N GLY C 270 -0.46 -12.35 17.88
CA GLY C 270 -0.52 -10.88 17.93
C GLY C 270 0.77 -10.17 18.32
N LEU C 271 0.70 -8.85 18.40
CA LEU C 271 1.76 -7.99 18.88
C LEU C 271 1.08 -7.13 19.90
N PHE C 272 1.85 -6.34 20.64
CA PHE C 272 1.26 -5.38 21.54
C PHE C 272 2.18 -4.20 21.61
N SER C 273 1.60 -3.05 21.87
CA SER C 273 2.35 -1.84 21.93
C SER C 273 1.85 -1.07 23.12
N LEU C 274 2.77 -0.54 23.92
CA LEU C 274 2.35 0.25 25.04
C LEU C 274 3.20 1.48 25.22
N VAL C 275 2.63 2.43 25.98
CA VAL C 275 3.32 3.63 26.35
C VAL C 275 3.13 3.85 27.82
N ALA C 276 4.20 3.64 28.57
CA ALA C 276 4.16 3.83 30.03
C ALA C 276 4.95 5.08 30.37
N ARG C 277 4.54 5.74 31.45
CA ARG C 277 5.32 6.84 32.00
C ARG C 277 6.09 6.42 33.30
N LYS C 278 7.35 6.84 33.37
CA LYS C 278 8.16 6.59 34.58
C LYS C 278 7.66 7.36 35.83
N LEU C 279 7.62 6.64 36.95
CA LEU C 279 6.99 7.20 38.13
C LEU C 279 7.81 8.33 38.69
N SER C 280 7.18 9.07 39.60
CA SER C 280 7.79 10.21 40.34
C SER C 280 7.91 11.48 39.48
N PHE D 24 -25.48 7.89 41.45
CA PHE D 24 -26.47 8.26 42.52
C PHE D 24 -27.66 9.06 41.97
N THR D 25 -27.36 10.11 41.21
CA THR D 25 -28.44 10.86 40.57
C THR D 25 -29.41 9.91 39.85
N SER D 26 -30.70 10.07 40.16
CA SER D 26 -31.75 9.28 39.56
C SER D 26 -31.92 9.64 38.07
N LYS D 27 -32.56 8.74 37.31
CA LYS D 27 -32.68 8.91 35.88
C LYS D 27 -33.49 10.13 35.43
N ASP D 28 -34.60 10.39 36.11
CA ASP D 28 -35.49 11.49 35.69
C ASP D 28 -34.88 12.89 35.87
N THR D 29 -33.71 12.95 36.51
CA THR D 29 -33.05 14.24 36.72
C THR D 29 -32.55 14.85 35.41
N TYR D 30 -32.17 13.98 34.47
CA TYR D 30 -31.64 14.42 33.20
C TYR D 30 -32.75 15.14 32.45
N LEU D 31 -33.96 14.61 32.62
CA LEU D 31 -35.18 15.30 32.12
C LEU D 31 -35.49 16.49 33.02
N SER D 32 -35.06 16.41 34.28
CA SER D 32 -35.37 17.43 35.27
C SER D 32 -34.58 18.73 35.07
N HIS D 33 -33.27 18.63 34.76
CA HIS D 33 -32.42 19.84 34.78
C HIS D 33 -31.26 19.87 33.77
N PHE D 34 -31.06 18.76 33.06
CA PHE D 34 -30.05 18.68 32.01
C PHE D 34 -30.52 19.47 30.80
N ASN D 35 -30.31 20.79 30.80
CA ASN D 35 -30.58 21.60 29.62
C ASN D 35 -29.53 21.33 28.56
N PRO D 36 -29.96 20.85 27.38
CA PRO D 36 -28.97 20.55 26.33
C PRO D 36 -28.18 21.74 25.83
N ARG D 37 -28.72 22.94 25.91
CA ARG D 37 -28.03 24.06 25.27
C ARG D 37 -26.93 24.60 26.16
N ASP D 38 -27.04 24.41 27.47
CA ASP D 38 -25.98 24.86 28.36
C ASP D 38 -24.83 23.86 28.36
N TYR D 39 -25.13 22.56 28.46
CA TYR D 39 -24.10 21.55 28.32
C TYR D 39 -23.31 21.90 27.09
N LEU D 40 -23.94 21.82 25.92
CA LEU D 40 -23.23 22.13 24.67
C LEU D 40 -22.48 23.45 24.74
N GLU D 41 -23.18 24.49 25.22
CA GLU D 41 -22.59 25.83 25.44
C GLU D 41 -21.34 25.79 26.36
N LYS D 42 -21.35 24.87 27.31
CA LYS D 42 -20.36 24.78 28.36
C LYS D 42 -19.19 23.89 27.98
N TYR D 43 -19.47 22.72 27.41
CA TYR D 43 -18.39 21.78 27.15
C TYR D 43 -17.89 21.74 25.72
N TYR D 44 -18.63 22.35 24.79
CA TYR D 44 -18.40 22.04 23.39
C TYR D 44 -18.12 23.21 22.46
N LYS D 45 -17.57 24.29 23.02
CA LYS D 45 -17.28 25.48 22.23
C LYS D 45 -16.03 25.32 21.36
N PHE D 46 -14.87 25.10 21.98
CA PHE D 46 -13.70 24.75 21.19
C PHE D 46 -13.26 25.85 20.18
N GLY D 47 -13.94 26.99 20.21
CA GLY D 47 -13.62 28.06 19.26
C GLY D 47 -12.41 28.92 19.63
N SER D 48 -12.68 30.02 20.33
CA SER D 48 -11.64 31.00 20.68
C SER D 48 -10.87 30.54 21.93
N ARG D 49 -11.33 31.04 23.09
CA ARG D 49 -10.81 30.62 24.38
C ARG D 49 -10.22 29.21 24.30
N HIS D 50 -8.92 29.09 24.53
CA HIS D 50 -8.33 27.77 24.69
C HIS D 50 -8.32 27.30 26.16
N SER D 51 -9.21 26.37 26.49
CA SER D 51 -9.33 25.86 27.84
C SER D 51 -9.33 24.34 27.91
N ALA D 52 -9.63 23.84 29.09
CA ALA D 52 -9.51 22.45 29.42
C ALA D 52 -10.61 21.56 28.80
N GLU D 53 -11.83 22.10 28.74
CA GLU D 53 -12.89 21.50 27.95
C GLU D 53 -12.36 21.30 26.54
N SER D 54 -11.82 22.36 25.96
CA SER D 54 -11.25 22.25 24.64
C SER D 54 -10.19 21.16 24.58
N GLN D 55 -9.19 21.21 25.46
CA GLN D 55 -8.06 20.27 25.34
C GLN D 55 -8.49 18.81 25.37
N ILE D 56 -9.62 18.57 26.04
CA ILE D 56 -10.22 17.23 26.14
C ILE D 56 -10.90 16.84 24.86
N LEU D 57 -11.98 17.55 24.53
CA LEU D 57 -12.62 17.38 23.23
C LEU D 57 -11.54 17.20 22.17
N LYS D 58 -10.62 18.15 22.17
CA LYS D 58 -9.50 18.13 21.27
C LYS D 58 -8.87 16.76 21.34
N HIS D 59 -8.88 16.16 22.51
CA HIS D 59 -8.16 14.92 22.61
C HIS D 59 -9.03 13.73 22.23
N LEU D 60 -10.30 13.80 22.61
CA LEU D 60 -11.23 12.74 22.34
C LEU D 60 -11.25 12.51 20.87
N LEU D 61 -11.36 13.64 20.15
CA LEU D 61 -11.32 13.65 18.71
C LEU D 61 -10.10 12.93 18.06
N LYS D 62 -8.87 13.19 18.51
CA LYS D 62 -7.76 12.42 17.91
C LYS D 62 -7.96 10.95 18.23
N ASN D 63 -8.50 10.65 19.43
CA ASN D 63 -8.80 9.25 19.79
C ASN D 63 -9.83 8.64 18.82
N LEU D 64 -10.90 9.37 18.57
CA LEU D 64 -11.92 8.81 17.69
C LEU D 64 -11.37 8.62 16.30
N PHE D 65 -10.74 9.68 15.81
CA PHE D 65 -10.11 9.67 14.52
C PHE D 65 -9.20 8.48 14.45
N LYS D 66 -8.39 8.24 15.48
CA LYS D 66 -7.49 7.09 15.41
C LYS D 66 -8.21 5.73 15.41
N ILE D 67 -9.21 5.57 16.30
CA ILE D 67 -10.03 4.35 16.30
C ILE D 67 -10.77 4.15 14.96
N PHE D 68 -11.46 5.19 14.52
CA PHE D 68 -12.32 5.05 13.39
C PHE D 68 -11.66 5.23 12.04
N CYS D 69 -10.46 5.79 11.97
CA CYS D 69 -9.83 6.05 10.64
C CYS D 69 -8.45 5.48 10.45
N LEU D 70 -7.82 5.07 11.53
CA LEU D 70 -6.49 4.53 11.43
C LEU D 70 -6.55 3.03 11.61
N ASP D 71 -7.27 2.62 12.64
CA ASP D 71 -7.48 1.21 12.95
C ASP D 71 -8.34 0.49 11.92
N GLY D 72 -9.15 -0.44 12.40
CA GLY D 72 -9.95 -1.18 11.48
C GLY D 72 -11.44 -1.00 11.69
N VAL D 73 -11.83 -0.21 12.68
CA VAL D 73 -13.25 -0.16 13.04
C VAL D 73 -14.14 0.30 11.87
N LYS D 74 -14.71 -0.68 11.15
CA LYS D 74 -15.56 -0.43 9.98
C LYS D 74 -16.83 -1.27 10.07
N GLY D 75 -17.97 -0.67 9.80
CA GLY D 75 -19.20 -1.42 9.85
C GLY D 75 -20.36 -0.89 9.08
N ASP D 76 -21.41 -1.68 9.03
CA ASP D 76 -22.60 -1.26 8.36
C ASP D 76 -23.35 -0.34 9.28
N LEU D 77 -23.42 -0.76 10.54
CA LEU D 77 -24.18 -0.01 11.50
C LEU D 77 -23.40 0.22 12.79
N LEU D 78 -23.33 1.49 13.19
CA LEU D 78 -22.87 1.81 14.51
C LEU D 78 -24.05 2.35 15.30
N ILE D 79 -24.15 1.98 16.58
CA ILE D 79 -25.20 2.50 17.43
C ILE D 79 -24.55 3.37 18.49
N ASP D 80 -25.06 4.56 18.66
CA ASP D 80 -24.43 5.47 19.61
C ASP D 80 -25.24 5.62 20.89
N ILE D 81 -24.76 5.08 21.98
CA ILE D 81 -25.48 5.19 23.26
C ILE D 81 -25.07 6.43 24.05
N GLY D 82 -26.03 7.05 24.73
CA GLY D 82 -25.80 8.28 25.51
C GLY D 82 -25.38 9.43 24.62
N SER D 83 -25.91 9.46 23.39
CA SER D 83 -25.56 10.51 22.43
C SER D 83 -25.61 11.84 23.11
N GLY D 84 -26.56 11.96 24.03
CA GLY D 84 -26.87 13.29 24.55
C GLY D 84 -27.30 14.17 23.39
N PRO D 85 -27.03 15.47 23.49
CA PRO D 85 -27.31 16.38 22.42
C PRO D 85 -26.17 16.67 21.46
N THR D 86 -25.12 15.83 21.39
CA THR D 86 -23.92 16.15 20.61
C THR D 86 -23.75 15.22 19.43
N ILE D 87 -22.69 15.44 18.65
CA ILE D 87 -22.40 14.63 17.51
C ILE D 87 -20.93 14.66 17.23
N TYR D 88 -20.18 15.32 18.12
CA TYR D 88 -18.75 15.41 17.94
C TYR D 88 -18.27 13.97 17.85
N GLN D 89 -18.92 13.09 18.59
CA GLN D 89 -18.42 11.74 18.66
C GLN D 89 -18.67 10.91 17.40
N LEU D 90 -19.44 11.44 16.46
CA LEU D 90 -19.77 10.68 15.25
C LEU D 90 -19.10 11.23 13.96
N LEU D 91 -18.39 12.33 14.07
CA LEU D 91 -17.77 12.90 12.93
C LEU D 91 -16.82 12.01 12.19
N SER D 92 -16.08 11.16 12.92
CA SER D 92 -15.17 10.22 12.25
C SER D 92 -15.79 8.84 12.03
N ALA D 93 -16.71 8.45 12.97
CA ALA D 93 -17.43 7.18 12.78
C ALA D 93 -18.15 7.18 11.41
N CYS D 94 -18.71 8.31 11.03
CA CYS D 94 -19.44 8.35 9.82
C CYS D 94 -18.61 8.07 8.57
N GLU D 95 -17.30 7.91 8.71
CA GLU D 95 -16.48 7.51 7.53
C GLU D 95 -16.28 6.02 7.50
N SER D 96 -16.49 5.36 8.62
CA SER D 96 -16.32 3.91 8.68
C SER D 96 -17.66 3.20 8.92
N PHE D 97 -18.76 3.91 8.79
CA PHE D 97 -20.03 3.30 9.01
C PHE D 97 -21.06 3.90 8.11
N LYS D 98 -21.72 2.99 7.39
CA LYS D 98 -22.77 3.36 6.48
C LYS D 98 -24.03 3.81 7.22
N GLU D 99 -24.19 3.30 8.44
CA GLU D 99 -25.36 3.69 9.20
C GLU D 99 -25.05 3.97 10.66
N ILE D 100 -25.67 5.02 11.18
CA ILE D 100 -25.48 5.37 12.54
C ILE D 100 -26.81 5.63 13.18
N VAL D 101 -27.03 5.02 14.34
CA VAL D 101 -28.23 5.29 15.09
C VAL D 101 -27.82 5.89 16.43
N VAL D 102 -28.37 7.07 16.70
CA VAL D 102 -28.08 7.80 17.90
C VAL D 102 -29.23 7.69 18.88
N THR D 103 -28.89 7.39 20.14
CA THR D 103 -29.92 7.29 21.17
C THR D 103 -29.46 7.94 22.44
N ASP D 104 -30.38 8.04 23.38
CA ASP D 104 -30.13 8.71 24.65
C ASP D 104 -31.37 8.48 25.47
N TYR D 105 -31.43 9.10 26.64
CA TYR D 105 -32.51 8.85 27.56
C TYR D 105 -33.41 10.06 27.67
N SER D 106 -32.83 11.24 27.48
CA SER D 106 -33.61 12.45 27.54
C SER D 106 -34.08 12.81 26.16
N ASP D 107 -35.39 12.95 26.04
CA ASP D 107 -35.95 13.27 24.76
C ASP D 107 -35.72 14.71 24.33
N GLN D 108 -35.57 15.61 25.30
CA GLN D 108 -35.34 17.01 24.94
C GLN D 108 -33.93 17.20 24.35
N ASN D 109 -32.99 16.34 24.75
CA ASN D 109 -31.65 16.31 24.14
C ASN D 109 -31.69 15.90 22.68
N LEU D 110 -32.26 14.71 22.42
CA LEU D 110 -32.41 14.22 21.07
C LEU D 110 -33.02 15.33 20.22
N GLN D 111 -34.06 15.96 20.75
CA GLN D 111 -34.68 17.08 20.09
C GLN D 111 -33.65 18.12 19.67
N GLU D 112 -32.69 18.37 20.54
CA GLU D 112 -31.71 19.42 20.33
C GLU D 112 -30.70 18.90 19.33
N LEU D 113 -30.58 17.60 19.28
CA LEU D 113 -29.65 16.95 18.40
C LEU D 113 -30.26 17.04 17.02
N GLU D 114 -31.56 16.70 16.97
CA GLU D 114 -32.33 16.62 15.75
C GLU D 114 -32.43 17.97 15.04
N LYS D 115 -32.32 19.03 15.83
CA LYS D 115 -32.29 20.40 15.29
C LYS D 115 -31.03 20.52 14.43
N TRP D 116 -29.94 19.95 14.93
CA TRP D 116 -28.70 20.04 14.20
C TRP D 116 -28.83 19.15 12.98
N LEU D 117 -29.38 17.98 13.22
CA LEU D 117 -29.60 17.02 12.18
C LEU D 117 -30.35 17.64 10.98
N LYS D 118 -31.43 18.38 11.28
CA LYS D 118 -32.30 18.98 10.28
C LYS D 118 -31.79 20.34 9.85
N ALA D 119 -30.53 20.66 10.14
CA ALA D 119 -30.02 21.93 9.65
C ALA D 119 -31.04 23.03 9.94
N ALA D 120 -31.37 23.26 11.20
CA ALA D 120 -32.15 24.45 11.53
C ALA D 120 -31.11 25.54 11.79
N PRO D 121 -31.46 26.80 11.47
CA PRO D 121 -30.54 27.91 11.69
C PRO D 121 -30.27 28.14 13.18
N ALA D 122 -31.15 27.62 14.04
CA ALA D 122 -30.91 27.70 15.51
C ALA D 122 -30.03 26.56 16.06
N ALA D 123 -29.72 25.55 15.26
CA ALA D 123 -28.81 24.48 15.73
C ALA D 123 -27.48 25.01 16.23
N PHE D 124 -26.87 24.27 17.14
CA PHE D 124 -25.54 24.60 17.65
C PHE D 124 -24.55 24.63 16.49
N ASP D 125 -23.41 25.30 16.70
CA ASP D 125 -22.40 25.41 15.68
C ASP D 125 -21.28 24.43 15.92
N TRP D 126 -21.04 23.53 14.96
CA TRP D 126 -19.98 22.54 15.14
C TRP D 126 -18.81 22.78 14.19
N SER D 127 -19.00 23.79 13.35
CA SER D 127 -18.00 24.25 12.40
C SER D 127 -16.57 24.10 12.91
N PRO D 128 -16.28 24.60 14.12
CA PRO D 128 -14.88 24.45 14.46
C PRO D 128 -14.50 23.01 14.71
N VAL D 129 -15.43 22.22 15.24
CA VAL D 129 -15.10 20.86 15.59
C VAL D 129 -15.12 20.02 14.33
N VAL D 130 -16.01 20.39 13.41
CA VAL D 130 -16.11 19.71 12.12
C VAL D 130 -14.88 20.01 11.32
N THR D 131 -14.46 21.28 11.35
CA THR D 131 -13.18 21.64 10.76
C THR D 131 -12.00 20.99 11.43
N TYR D 132 -12.10 20.70 12.74
CA TYR D 132 -10.97 20.08 13.42
C TYR D 132 -10.78 18.68 12.86
N VAL D 133 -11.89 17.95 12.78
CA VAL D 133 -11.84 16.57 12.30
C VAL D 133 -11.48 16.47 10.84
N CYS D 134 -11.96 17.42 10.03
CA CYS D 134 -11.53 17.46 8.61
C CYS D 134 -10.01 17.53 8.46
N ASP D 135 -9.39 18.46 9.19
CA ASP D 135 -7.94 18.57 9.19
C ASP D 135 -7.34 17.27 9.66
N LEU D 136 -7.91 16.77 10.72
CA LEU D 136 -7.37 15.59 11.34
C LEU D 136 -7.45 14.43 10.35
N GLU D 137 -8.40 14.50 9.43
CA GLU D 137 -8.55 13.54 8.34
C GLU D 137 -7.84 13.90 7.02
N GLY D 138 -6.82 14.75 7.05
CA GLY D 138 -6.00 14.92 5.86
C GLY D 138 -6.59 15.89 4.87
N ASN D 139 -7.67 16.54 5.27
CA ASN D 139 -8.44 17.42 4.38
C ASN D 139 -8.82 16.80 3.05
N ARG D 140 -9.45 15.64 3.09
CA ARG D 140 -10.04 15.10 1.87
C ARG D 140 -11.36 15.85 1.59
N VAL D 141 -12.02 16.30 2.64
CA VAL D 141 -13.26 16.98 2.45
C VAL D 141 -13.25 18.20 3.34
N LYS D 142 -14.29 19.01 3.17
CA LYS D 142 -14.43 20.22 3.89
C LYS D 142 -15.71 20.19 4.69
N GLY D 143 -15.93 21.30 5.42
CA GLY D 143 -17.03 21.52 6.35
C GLY D 143 -18.34 20.92 5.93
N PRO D 144 -19.02 21.62 5.01
CA PRO D 144 -20.32 21.27 4.47
C PRO D 144 -20.37 19.83 4.01
N GLU D 145 -19.25 19.33 3.50
CA GLU D 145 -19.28 17.98 2.95
C GLU D 145 -19.35 16.97 4.04
N LYS D 146 -18.48 17.14 5.03
CA LYS D 146 -18.44 16.20 6.15
C LYS D 146 -19.72 16.24 6.95
N GLU D 147 -20.30 17.44 7.06
CA GLU D 147 -21.58 17.57 7.73
C GLU D 147 -22.66 16.87 6.95
N GLU D 148 -22.66 17.07 5.63
CA GLU D 148 -23.66 16.39 4.80
C GLU D 148 -23.49 14.92 5.04
N LYS D 149 -22.25 14.43 4.99
CA LYS D 149 -22.00 13.01 5.09
C LYS D 149 -22.53 12.48 6.40
N LEU D 150 -22.27 13.20 7.48
CA LEU D 150 -22.77 12.72 8.76
C LEU D 150 -24.28 12.76 8.80
N ARG D 151 -24.83 13.90 8.38
CA ARG D 151 -26.30 14.02 8.32
C ARG D 151 -26.91 12.83 7.55
N GLN D 152 -26.16 12.22 6.67
CA GLN D 152 -26.68 11.14 5.84
C GLN D 152 -26.75 9.83 6.62
N ALA D 153 -25.63 9.44 7.23
CA ALA D 153 -25.46 8.18 7.97
C ALA D 153 -26.49 7.98 9.07
N VAL D 154 -26.83 9.08 9.74
CA VAL D 154 -27.78 8.99 10.86
C VAL D 154 -29.16 8.53 10.36
N LYS D 155 -29.41 7.23 10.50
CA LYS D 155 -30.66 6.63 10.09
C LYS D 155 -31.81 6.79 11.11
N GLN D 156 -31.50 6.77 12.40
CA GLN D 156 -32.54 6.95 13.42
C GLN D 156 -32.11 7.62 14.71
N VAL D 157 -33.10 7.95 15.53
CA VAL D 157 -32.88 8.60 16.83
C VAL D 157 -33.83 7.92 17.84
N LEU D 158 -33.33 7.04 18.69
CA LEU D 158 -34.20 6.30 19.59
C LEU D 158 -34.22 6.86 21.04
N LYS D 159 -35.11 6.34 21.87
CA LYS D 159 -35.04 6.58 23.30
C LYS D 159 -34.09 5.51 23.77
N CYS D 160 -33.42 5.74 24.89
CA CYS D 160 -32.42 4.79 25.35
C CYS D 160 -32.36 4.75 26.84
N ASP D 161 -31.99 3.60 27.38
CA ASP D 161 -31.83 3.45 28.83
C ASP D 161 -30.97 2.23 29.15
N VAL D 162 -29.69 2.52 29.42
CA VAL D 162 -28.65 1.51 29.58
C VAL D 162 -28.88 0.55 30.73
N THR D 163 -29.86 0.88 31.58
CA THR D 163 -30.17 0.09 32.76
C THR D 163 -31.40 -0.77 32.51
N GLN D 164 -31.59 -1.17 31.25
CA GLN D 164 -32.70 -2.05 30.87
C GLN D 164 -32.16 -3.32 30.26
N SER D 165 -32.86 -4.40 30.55
CA SER D 165 -32.57 -5.72 29.98
C SER D 165 -32.34 -5.56 28.47
N GLN D 166 -33.14 -4.67 27.86
CA GLN D 166 -32.91 -4.27 26.48
C GLN D 166 -32.93 -2.74 26.44
N PRO D 167 -31.78 -2.17 26.09
CA PRO D 167 -31.54 -0.73 26.06
C PRO D 167 -32.52 0.03 25.18
N LEU D 168 -32.78 -0.48 23.97
CA LEU D 168 -33.66 0.25 23.01
C LEU D 168 -35.12 -0.30 23.00
N GLY D 169 -35.53 -0.86 24.13
CA GLY D 169 -36.81 -1.51 24.21
C GLY D 169 -36.74 -2.72 23.32
N ALA D 170 -37.18 -2.53 22.07
CA ALA D 170 -37.21 -3.60 21.09
C ALA D 170 -37.25 -3.03 19.66
N VAL D 171 -37.25 -1.70 19.54
CA VAL D 171 -37.18 -1.08 18.22
C VAL D 171 -36.18 -1.83 17.35
N PRO D 172 -36.68 -2.63 16.41
CA PRO D 172 -35.92 -3.58 15.57
C PRO D 172 -34.74 -2.97 14.87
N LEU D 173 -33.56 -3.52 15.17
CA LEU D 173 -32.31 -3.21 14.50
C LEU D 173 -31.54 -4.50 14.35
N PRO D 174 -30.69 -4.58 13.34
CA PRO D 174 -29.80 -5.73 13.24
C PRO D 174 -28.78 -5.63 14.36
N PRO D 175 -28.09 -6.73 14.65
CA PRO D 175 -26.98 -6.56 15.61
C PRO D 175 -25.98 -5.60 14.96
N ALA D 176 -25.33 -4.78 15.79
CA ALA D 176 -24.47 -3.69 15.34
C ALA D 176 -22.99 -4.07 15.21
N ASP D 177 -22.33 -3.59 14.15
CA ASP D 177 -20.90 -3.81 13.98
C ASP D 177 -20.12 -3.06 15.06
N CYS D 178 -20.72 -2.05 15.67
CA CYS D 178 -20.02 -1.32 16.70
C CYS D 178 -20.97 -0.55 17.58
N VAL D 179 -20.75 -0.61 18.90
CA VAL D 179 -21.55 0.20 19.81
C VAL D 179 -20.61 1.28 20.37
N LEU D 180 -21.09 2.50 20.58
CA LEU D 180 -20.21 3.59 21.00
C LEU D 180 -20.90 4.38 22.08
N SER D 181 -20.21 4.63 23.18
CA SER D 181 -20.81 5.46 24.22
C SER D 181 -19.75 6.36 24.76
N THR D 182 -19.97 7.65 24.73
CA THR D 182 -18.97 8.54 25.24
C THR D 182 -19.57 9.17 26.47
N LEU D 183 -18.73 9.29 27.51
CA LEU D 183 -19.01 10.04 28.73
C LEU D 183 -20.46 9.79 29.17
N CYS D 184 -20.88 8.53 29.21
CA CYS D 184 -22.29 8.31 29.49
C CYS D 184 -22.51 7.40 30.70
N LEU D 185 -21.91 6.22 30.65
CA LEU D 185 -21.96 5.26 31.75
C LEU D 185 -21.74 5.87 33.15
N ASP D 186 -20.63 6.54 33.33
CA ASP D 186 -20.31 7.08 34.64
C ASP D 186 -21.46 7.90 35.20
N ALA D 187 -22.35 8.39 34.34
CA ALA D 187 -23.42 9.25 34.83
C ALA D 187 -24.77 8.55 34.82
N ALA D 188 -24.77 7.29 34.38
CA ALA D 188 -26.01 6.54 34.28
C ALA D 188 -25.97 5.31 35.19
N CYS D 189 -24.79 5.05 35.75
CA CYS D 189 -24.64 3.98 36.73
C CYS D 189 -24.25 4.53 38.10
N PRO D 190 -25.19 4.46 39.08
CA PRO D 190 -24.98 4.85 40.47
C PRO D 190 -24.24 3.78 41.29
N ASP D 191 -23.70 2.75 40.66
CA ASP D 191 -22.93 1.75 41.40
C ASP D 191 -22.36 0.64 40.52
N LEU D 192 -21.22 0.09 40.94
CA LEU D 192 -20.44 -0.82 40.07
C LEU D 192 -21.25 -1.99 39.45
N PRO D 193 -22.24 -2.54 40.18
CA PRO D 193 -23.08 -3.59 39.64
C PRO D 193 -23.99 -3.09 38.51
N THR D 194 -24.50 -1.86 38.66
CA THR D 194 -25.27 -1.20 37.62
C THR D 194 -24.39 -1.06 36.41
N TYR D 195 -23.18 -0.61 36.67
CA TYR D 195 -22.23 -0.43 35.62
C TYR D 195 -22.04 -1.72 34.88
N CYS D 196 -21.66 -2.76 35.61
CA CYS D 196 -21.22 -3.98 34.93
C CYS D 196 -22.42 -4.61 34.20
N ARG D 197 -23.62 -4.27 34.68
CA ARG D 197 -24.86 -4.69 34.08
C ARG D 197 -24.95 -3.99 32.72
N ALA D 198 -24.96 -2.67 32.78
CA ALA D 198 -25.03 -1.84 31.60
C ALA D 198 -24.13 -2.38 30.49
N LEU D 199 -22.88 -2.65 30.79
CA LEU D 199 -21.97 -3.27 29.81
C LEU D 199 -22.57 -4.51 29.11
N ARG D 200 -23.43 -5.26 29.84
CA ARG D 200 -24.04 -6.49 29.31
C ARG D 200 -25.20 -6.14 28.38
N ASN D 201 -26.12 -5.30 28.88
CA ASN D 201 -27.26 -4.83 28.10
C ASN D 201 -26.84 -4.31 26.70
N LEU D 202 -25.85 -3.44 26.69
CA LEU D 202 -25.26 -2.96 25.44
C LEU D 202 -24.73 -4.14 24.64
N GLY D 203 -24.08 -5.08 25.30
CA GLY D 203 -23.47 -6.19 24.57
C GLY D 203 -24.55 -6.86 23.76
N SER D 204 -25.77 -6.69 24.24
CA SER D 204 -26.95 -7.23 23.59
C SER D 204 -27.21 -6.67 22.18
N LEU D 205 -26.70 -5.47 21.88
CA LEU D 205 -26.90 -4.85 20.59
C LEU D 205 -25.82 -5.24 19.60
N LEU D 206 -24.89 -6.11 20.01
CA LEU D 206 -23.69 -6.33 19.20
C LEU D 206 -23.57 -7.64 18.52
N LYS D 207 -23.30 -7.62 17.23
CA LYS D 207 -23.00 -8.87 16.52
C LYS D 207 -21.87 -9.60 17.23
N PRO D 208 -21.70 -10.91 16.99
CA PRO D 208 -20.53 -11.54 17.61
C PRO D 208 -19.24 -11.00 16.97
N GLY D 209 -18.30 -10.56 17.80
CA GLY D 209 -17.03 -9.97 17.34
C GLY D 209 -17.15 -8.49 17.04
N GLY D 210 -18.19 -7.89 17.63
CA GLY D 210 -18.50 -6.49 17.37
C GLY D 210 -17.75 -5.58 18.31
N PHE D 211 -17.55 -4.34 17.87
CA PHE D 211 -16.68 -3.43 18.64
C PHE D 211 -17.40 -2.59 19.66
N LEU D 212 -16.88 -2.56 20.88
CA LEU D 212 -17.42 -1.66 21.89
C LEU D 212 -16.48 -0.45 22.10
N VAL D 213 -16.93 0.77 21.89
CA VAL D 213 -16.08 1.94 22.08
C VAL D 213 -16.54 2.80 23.23
N ILE D 214 -15.88 2.68 24.38
CA ILE D 214 -16.17 3.56 25.53
C ILE D 214 -15.11 4.63 25.72
N MET D 215 -15.54 5.79 26.20
CA MET D 215 -14.63 6.87 26.48
C MET D 215 -15.32 7.61 27.59
N ASP D 216 -14.71 7.65 28.78
CA ASP D 216 -15.38 8.21 29.93
C ASP D 216 -14.36 8.74 30.92
N ALA D 217 -14.81 9.43 31.97
CA ALA D 217 -13.87 10.06 32.94
C ALA D 217 -13.29 9.08 33.95
N LEU D 218 -12.00 9.24 34.26
CA LEU D 218 -11.38 8.41 35.30
C LEU D 218 -11.42 9.11 36.65
N LYS D 219 -11.71 8.28 37.68
CA LYS D 219 -11.81 8.70 39.08
C LYS D 219 -12.59 10.01 39.18
N SER D 220 -13.84 9.99 38.72
CA SER D 220 -14.65 11.21 38.72
C SER D 220 -15.96 10.96 39.45
N SER D 221 -16.44 11.95 40.18
CA SER D 221 -17.66 11.75 40.98
C SER D 221 -18.87 12.59 40.59
N TYR D 222 -18.67 13.74 39.96
CA TYR D 222 -19.77 14.57 39.48
C TYR D 222 -19.28 15.38 38.28
N TYR D 223 -20.19 16.15 37.68
CA TYR D 223 -19.82 17.14 36.65
C TYR D 223 -20.86 18.26 36.57
N MET D 224 -20.37 19.50 36.50
CA MET D 224 -21.25 20.66 36.60
C MET D 224 -21.65 21.17 35.23
N ILE D 225 -22.94 21.02 34.92
CA ILE D 225 -23.50 21.65 33.73
C ILE D 225 -23.64 23.12 34.06
N GLY D 226 -22.49 23.80 34.16
CA GLY D 226 -22.50 25.23 34.39
C GLY D 226 -22.91 25.52 35.82
N GLU D 227 -24.07 24.99 36.24
CA GLU D 227 -24.51 25.12 37.62
C GLU D 227 -24.93 23.79 38.28
N GLN D 228 -25.66 22.97 37.52
CA GLN D 228 -26.25 21.76 38.07
C GLN D 228 -25.21 20.65 38.27
N LYS D 229 -25.27 19.97 39.41
CA LYS D 229 -24.39 18.81 39.64
C LYS D 229 -25.04 17.55 39.12
N PHE D 230 -24.21 16.63 38.64
CA PHE D 230 -24.69 15.31 38.23
C PHE D 230 -23.78 14.24 38.78
N SER D 231 -24.36 13.17 39.32
CA SER D 231 -23.58 12.06 39.89
C SER D 231 -22.73 11.35 38.84
N SER D 232 -21.59 10.81 39.28
CA SER D 232 -20.70 10.02 38.41
C SER D 232 -19.87 8.95 39.18
N LEU D 233 -20.02 7.69 38.79
CA LEU D 233 -19.29 6.58 39.40
C LEU D 233 -17.79 6.69 39.15
N PRO D 234 -17.06 7.14 40.17
CA PRO D 234 -15.60 7.26 40.03
C PRO D 234 -14.96 5.90 39.77
N LEU D 235 -14.39 5.69 38.59
CA LEU D 235 -13.75 4.41 38.30
C LEU D 235 -12.31 4.61 37.95
N GLY D 236 -11.57 3.51 37.85
CA GLY D 236 -10.13 3.57 37.63
C GLY D 236 -9.71 2.52 36.65
N ARG D 237 -8.60 2.78 35.96
CA ARG D 237 -8.10 1.89 34.92
C ARG D 237 -8.40 0.40 35.09
N GLU D 238 -8.22 -0.08 36.31
CA GLU D 238 -8.31 -1.50 36.64
C GLU D 238 -9.76 -1.96 36.70
N ALA D 239 -10.60 -1.25 37.46
CA ALA D 239 -12.03 -1.60 37.59
C ALA D 239 -12.72 -1.66 36.22
N VAL D 240 -12.59 -0.56 35.47
CA VAL D 240 -13.05 -0.49 34.09
C VAL D 240 -12.62 -1.75 33.32
N GLU D 241 -11.33 -2.05 33.36
CA GLU D 241 -10.82 -3.17 32.60
C GLU D 241 -11.65 -4.42 32.88
N ALA D 242 -11.55 -4.93 34.11
CA ALA D 242 -12.26 -6.14 34.49
C ALA D 242 -13.65 -6.13 33.89
N ALA D 243 -14.49 -5.24 34.41
CA ALA D 243 -15.88 -5.05 33.93
C ALA D 243 -16.07 -5.39 32.46
N VAL D 244 -15.10 -5.03 31.63
CA VAL D 244 -15.22 -5.26 30.19
C VAL D 244 -14.98 -6.69 29.79
N LYS D 245 -13.84 -7.24 30.19
CA LYS D 245 -13.51 -8.64 29.93
C LYS D 245 -14.53 -9.55 30.57
N GLU D 246 -15.05 -9.11 31.71
CA GLU D 246 -16.03 -9.86 32.49
C GLU D 246 -17.43 -9.82 31.91
N ALA D 247 -17.73 -8.76 31.16
CA ALA D 247 -19.06 -8.61 30.62
C ALA D 247 -19.12 -9.09 29.19
N GLY D 248 -18.01 -9.65 28.69
CA GLY D 248 -18.09 -10.41 27.44
C GLY D 248 -17.19 -9.91 26.34
N TYR D 249 -16.27 -9.00 26.69
CA TYR D 249 -15.38 -8.44 25.70
C TYR D 249 -13.94 -8.52 26.18
N THR D 250 -13.11 -9.02 25.26
CA THR D 250 -11.68 -8.95 25.40
C THR D 250 -11.17 -7.55 24.97
N ILE D 251 -10.72 -6.76 25.94
CA ILE D 251 -10.08 -5.45 25.69
C ILE D 251 -9.08 -5.44 24.55
N GLU D 252 -9.10 -4.41 23.73
CA GLU D 252 -8.22 -4.37 22.59
C GLU D 252 -7.41 -3.09 22.55
N TRP D 253 -7.94 -2.08 23.24
CA TRP D 253 -7.33 -0.79 23.27
C TRP D 253 -7.74 -0.06 24.54
N PHE D 254 -6.78 0.54 25.21
CA PHE D 254 -7.06 1.34 26.37
C PHE D 254 -6.06 2.51 26.50
N GLU D 255 -6.54 3.69 26.86
CA GLU D 255 -5.72 4.90 26.87
C GLU D 255 -6.12 5.77 28.03
N VAL D 256 -5.15 6.52 28.56
CA VAL D 256 -5.40 7.43 29.68
C VAL D 256 -4.75 8.78 29.43
N ILE D 257 -5.54 9.85 29.53
CA ILE D 257 -4.95 11.19 29.51
C ILE D 257 -5.06 11.85 30.88
N SER D 258 -3.97 12.46 31.34
CA SER D 258 -3.94 13.18 32.62
C SER D 258 -5.02 14.26 32.64
N GLN D 259 -5.00 15.07 31.57
CA GLN D 259 -5.93 16.18 31.31
C GLN D 259 -7.30 16.08 32.00
N SER D 260 -7.56 17.01 32.92
CA SER D 260 -8.84 17.06 33.63
C SER D 260 -9.66 18.29 33.25
N TYR D 261 -10.98 18.18 33.36
CA TYR D 261 -11.83 19.35 33.15
C TYR D 261 -11.36 20.41 34.14
N SER D 262 -11.78 21.65 33.93
CA SER D 262 -11.45 22.72 34.86
C SER D 262 -11.88 22.28 36.26
N SER D 263 -11.35 22.93 37.28
CA SER D 263 -11.68 22.58 38.65
C SER D 263 -13.18 22.67 38.80
N THR D 264 -13.72 23.80 38.28
CA THR D 264 -15.16 24.14 38.29
C THR D 264 -16.11 23.10 37.65
N MET D 265 -15.73 22.58 36.48
CA MET D 265 -16.56 21.67 35.68
C MET D 265 -16.68 20.31 36.29
N ALA D 266 -15.59 19.85 36.91
CA ALA D 266 -15.53 18.52 37.55
C ALA D 266 -14.23 18.23 38.33
N ASN D 267 -14.25 17.14 39.09
CA ASN D 267 -13.11 16.70 39.89
C ASN D 267 -12.22 15.67 39.17
N ASN D 268 -12.75 15.10 38.09
CA ASN D 268 -12.04 14.08 37.31
C ASN D 268 -10.52 14.21 37.31
N GLU D 269 -9.87 13.06 37.35
CA GLU D 269 -8.44 13.01 37.18
C GLU D 269 -8.16 12.52 35.76
N GLY D 270 -8.69 13.21 34.77
CA GLY D 270 -8.52 12.78 33.39
C GLY D 270 -9.69 11.99 32.81
N LEU D 271 -9.42 11.21 31.77
CA LEU D 271 -10.42 10.37 31.11
C LEU D 271 -9.68 9.21 30.54
N PHE D 272 -10.37 8.43 29.75
CA PHE D 272 -9.80 7.22 29.17
C PHE D 272 -10.65 6.79 27.99
N SER D 273 -10.12 5.90 27.19
CA SER D 273 -10.79 5.52 25.97
C SER D 273 -10.48 4.06 25.72
N LEU D 274 -11.51 3.26 25.39
CA LEU D 274 -11.31 1.83 25.27
C LEU D 274 -11.94 1.22 24.03
N VAL D 275 -11.28 0.21 23.49
CA VAL D 275 -11.87 -0.55 22.39
C VAL D 275 -11.84 -2.07 22.65
N ALA D 276 -12.87 -2.57 23.32
CA ALA D 276 -13.04 -4.03 23.54
C ALA D 276 -13.83 -4.63 22.41
N ARG D 277 -13.57 -5.90 22.15
CA ARG D 277 -14.32 -6.66 21.15
C ARG D 277 -15.47 -7.39 21.85
N LYS D 278 -15.77 -8.60 21.39
CA LYS D 278 -16.91 -9.35 21.92
C LYS D 278 -16.77 -10.78 21.46
N LEU D 279 -16.94 -11.72 22.40
CA LEU D 279 -16.71 -13.16 22.16
C LEU D 279 -17.25 -13.64 20.82
N SER D 280 -16.43 -14.41 20.09
CA SER D 280 -16.82 -14.89 18.77
C SER D 280 -15.98 -16.08 18.27
#